data_306D
# 
_entry.id   306D 
# 
_audit_conform.dict_name       mmcif_pdbx.dic 
_audit_conform.dict_version    5.389 
_audit_conform.dict_location   http://mmcif.pdb.org/dictionaries/ascii/mmcif_pdbx.dic 
# 
loop_
_database_2.database_id 
_database_2.database_code 
_database_2.pdbx_database_accession 
_database_2.pdbx_DOI 
PDB   306D         pdb_0000306d 10.2210/pdb306d/pdb 
RCSB  GDLB51       ?            ?                   
WWPDB D_1000178774 ?            ?                   
# 
loop_
_pdbx_audit_revision_history.ordinal 
_pdbx_audit_revision_history.data_content_type 
_pdbx_audit_revision_history.major_revision 
_pdbx_audit_revision_history.minor_revision 
_pdbx_audit_revision_history.revision_date 
1 'Structure model' 1 0 1997-09-22 
2 'Structure model' 1 1 2008-05-22 
3 'Structure model' 1 2 2011-07-13 
4 'Structure model' 1 3 2024-02-21 
5 'Structure model' 1 4 2024-04-03 
# 
_pdbx_audit_revision_details.ordinal             1 
_pdbx_audit_revision_details.revision_ordinal    1 
_pdbx_audit_revision_details.data_content_type   'Structure model' 
_pdbx_audit_revision_details.provider            repository 
_pdbx_audit_revision_details.type                'Initial release' 
_pdbx_audit_revision_details.description         ? 
_pdbx_audit_revision_details.details             ? 
# 
loop_
_pdbx_audit_revision_group.ordinal 
_pdbx_audit_revision_group.revision_ordinal 
_pdbx_audit_revision_group.data_content_type 
_pdbx_audit_revision_group.group 
1 2 'Structure model' 'Version format compliance' 
2 3 'Structure model' 'Version format compliance' 
3 4 'Structure model' 'Data collection'           
4 4 'Structure model' 'Database references'       
5 4 'Structure model' 'Derived calculations'      
6 5 'Structure model' 'Refinement description'    
# 
loop_
_pdbx_audit_revision_category.ordinal 
_pdbx_audit_revision_category.revision_ordinal 
_pdbx_audit_revision_category.data_content_type 
_pdbx_audit_revision_category.category 
1 4 'Structure model' chem_comp_atom                
2 4 'Structure model' chem_comp_bond                
3 4 'Structure model' database_2                    
4 4 'Structure model' pdbx_struct_conn_angle        
5 4 'Structure model' struct_conn                   
6 4 'Structure model' struct_site                   
7 5 'Structure model' pdbx_initial_refinement_model 
# 
loop_
_pdbx_audit_revision_item.ordinal 
_pdbx_audit_revision_item.revision_ordinal 
_pdbx_audit_revision_item.data_content_type 
_pdbx_audit_revision_item.item 
1  4 'Structure model' '_database_2.pdbx_DOI'                        
2  4 'Structure model' '_database_2.pdbx_database_accession'         
3  4 'Structure model' '_pdbx_struct_conn_angle.ptnr1_auth_comp_id'  
4  4 'Structure model' '_pdbx_struct_conn_angle.ptnr1_auth_seq_id'   
5  4 'Structure model' '_pdbx_struct_conn_angle.ptnr1_label_asym_id' 
6  4 'Structure model' '_pdbx_struct_conn_angle.ptnr1_label_atom_id' 
7  4 'Structure model' '_pdbx_struct_conn_angle.ptnr1_label_comp_id' 
8  4 'Structure model' '_pdbx_struct_conn_angle.ptnr1_label_seq_id'  
9  4 'Structure model' '_pdbx_struct_conn_angle.ptnr1_symmetry'      
10 4 'Structure model' '_pdbx_struct_conn_angle.ptnr3_auth_comp_id'  
11 4 'Structure model' '_pdbx_struct_conn_angle.ptnr3_auth_seq_id'   
12 4 'Structure model' '_pdbx_struct_conn_angle.ptnr3_label_asym_id' 
13 4 'Structure model' '_pdbx_struct_conn_angle.ptnr3_label_atom_id' 
14 4 'Structure model' '_pdbx_struct_conn_angle.ptnr3_label_comp_id' 
15 4 'Structure model' '_pdbx_struct_conn_angle.ptnr3_label_seq_id'  
16 4 'Structure model' '_pdbx_struct_conn_angle.ptnr3_symmetry'      
17 4 'Structure model' '_pdbx_struct_conn_angle.value'               
18 4 'Structure model' '_struct_conn.pdbx_dist_value'                
19 4 'Structure model' '_struct_conn.ptnr1_auth_comp_id'             
20 4 'Structure model' '_struct_conn.ptnr1_auth_seq_id'              
21 4 'Structure model' '_struct_conn.ptnr1_label_asym_id'            
22 4 'Structure model' '_struct_conn.ptnr1_label_atom_id'            
23 4 'Structure model' '_struct_conn.ptnr1_label_comp_id'            
24 4 'Structure model' '_struct_conn.ptnr1_label_seq_id'             
25 4 'Structure model' '_struct_conn.ptnr2_auth_comp_id'             
26 4 'Structure model' '_struct_conn.ptnr2_auth_seq_id'              
27 4 'Structure model' '_struct_conn.ptnr2_label_asym_id'            
28 4 'Structure model' '_struct_conn.ptnr2_label_atom_id'            
29 4 'Structure model' '_struct_conn.ptnr2_label_comp_id'            
30 4 'Structure model' '_struct_conn.ptnr2_label_seq_id'             
31 4 'Structure model' '_struct_conn.ptnr2_symmetry'                 
32 4 'Structure model' '_struct_site.pdbx_auth_asym_id'              
33 4 'Structure model' '_struct_site.pdbx_auth_comp_id'              
34 4 'Structure model' '_struct_site.pdbx_auth_seq_id'               
# 
_pdbx_database_status.status_code                     REL 
_pdbx_database_status.entry_id                        306D 
_pdbx_database_status.recvd_initial_deposition_date   1997-01-03 
_pdbx_database_status.deposit_site                    NDB 
_pdbx_database_status.process_site                    NDB 
_pdbx_database_status.SG_entry                        . 
_pdbx_database_status.pdb_format_compatible           Y 
_pdbx_database_status.status_code_mr                  ? 
_pdbx_database_status.status_code_sf                  ? 
_pdbx_database_status.status_code_cs                  ? 
_pdbx_database_status.status_code_nmr_data            ? 
_pdbx_database_status.methods_development_category    ? 
# 
loop_
_audit_author.name 
_audit_author.pdbx_ordinal 
'Chen, X.'          1 
'Ramakrishnan, B.'  2 
'Sundaralingam, M.' 3 
# 
loop_
_citation.id 
_citation.title 
_citation.journal_abbrev 
_citation.journal_volume 
_citation.page_first 
_citation.page_last 
_citation.year 
_citation.journal_id_ASTM 
_citation.country 
_citation.journal_id_ISSN 
_citation.journal_id_CSD 
_citation.book_publisher 
_citation.pdbx_database_id_PubMed 
_citation.pdbx_database_id_DOI 
primary 'Crystal structures of the side-by-side binding of distamycin to AT-containing DNA octamers d(ICITACIC) and d(ICATATIC).' 
J.Mol.Biol.      267 1157 1170 1997 JMOBAK UK 0022-2836 0070 ? 9150404 10.1006/jmbi.1997.0941 
1       'Binding of two Distamycin A Molecules in the Minor Groove of an Alternating B-DNA'                                       
Nat.Struct.Biol. 1   169  175  1994 NSBIEW US 1072-8368 2024 ? ?       ?                      
2       'Crystal Structures of B-Form DNA-RNA Chimers Complexed with Distamycin'                                                  
Nat.Struct.Biol. 2   733  735  1995 NSBIEW US 1072-8368 2024 ? ?       ?                      
# 
loop_
_citation_author.citation_id 
_citation_author.name 
_citation_author.ordinal 
_citation_author.identifier_ORCID 
primary 'Chen, X.'          1  ? 
primary 'Ramakrishnan, B.'  2  ? 
primary 'Sundaralingam, M.' 3  ? 
1       'Chen, X.'          4  ? 
1       'Ramakrishnan, B.'  5  ? 
1       'Rao, S.T.'         6  ? 
1       'Sundaralingam, M.' 7  ? 
2       'Chen, X.'          8  ? 
2       'Ramakrishnan, B.'  9  ? 
2       'Sundaralingam, M.' 10 ? 
# 
loop_
_entity.id 
_entity.type 
_entity.src_method 
_entity.pdbx_description 
_entity.formula_weight 
_entity.pdbx_number_of_molecules 
_entity.pdbx_ec 
_entity.pdbx_mutation 
_entity.pdbx_fragment 
_entity.details 
1 polymer     syn 
;DNA (5'-D(*IP*CP*IP*TP*AP*CP*IP*C)-3')
;
2382.563 1  ? ? ? ? 
2 non-polymer syn 'DISTAMYCIN A'                           481.508  1  ? ? ? ? 
3 non-polymer syn 'MAGNESIUM ION'                          24.305   1  ? ? ? ? 
4 water       nat water                                    18.015   62 ? ? ? ? 
# 
_entity_poly.entity_id                      1 
_entity_poly.type                           polydeoxyribonucleotide 
_entity_poly.nstd_linkage                   no 
_entity_poly.nstd_monomer                   no 
_entity_poly.pdbx_seq_one_letter_code       '(DI)(DC)(DI)(DT)(DA)(DC)(DI)(DC)' 
_entity_poly.pdbx_seq_one_letter_code_can   ICITACIC 
_entity_poly.pdbx_strand_id                 A 
_entity_poly.pdbx_target_identifier         ? 
# 
loop_
_pdbx_entity_nonpoly.entity_id 
_pdbx_entity_nonpoly.name 
_pdbx_entity_nonpoly.comp_id 
2 'DISTAMYCIN A'  DMY 
3 'MAGNESIUM ION' MG  
4 water           HOH 
# 
loop_
_entity_poly_seq.entity_id 
_entity_poly_seq.num 
_entity_poly_seq.mon_id 
_entity_poly_seq.hetero 
1 1 DI n 
1 2 DC n 
1 3 DI n 
1 4 DT n 
1 5 DA n 
1 6 DC n 
1 7 DI n 
1 8 DC n 
# 
loop_
_chem_comp.id 
_chem_comp.type 
_chem_comp.mon_nstd_flag 
_chem_comp.name 
_chem_comp.pdbx_synonyms 
_chem_comp.formula 
_chem_comp.formula_weight 
DA  'DNA linking' y "2'-DEOXYADENOSINE-5'-MONOPHOSPHATE" ?                         'C10 H14 N5 O6 P' 331.222 
DC  'DNA linking' y "2'-DEOXYCYTIDINE-5'-MONOPHOSPHATE"  ?                         'C9 H14 N3 O7 P'  307.197 
DI  'DNA linking' y "2'-DEOXYINOSINE-5'-MONOPHOSPHATE"   ?                         'C10 H13 N4 O7 P' 332.207 
DMY non-polymer   . 'DISTAMYCIN A'                       'DISTAMYCIN; STALLIMYCIN' 'C22 H27 N9 O4'   481.508 
DT  'DNA linking' y "THYMIDINE-5'-MONOPHOSPHATE"         ?                         'C10 H15 N2 O8 P' 322.208 
HOH non-polymer   . WATER                                ?                         'H2 O'            18.015  
MG  non-polymer   . 'MAGNESIUM ION'                      ?                         'Mg 2'            24.305  
# 
loop_
_pdbx_poly_seq_scheme.asym_id 
_pdbx_poly_seq_scheme.entity_id 
_pdbx_poly_seq_scheme.seq_id 
_pdbx_poly_seq_scheme.mon_id 
_pdbx_poly_seq_scheme.ndb_seq_num 
_pdbx_poly_seq_scheme.pdb_seq_num 
_pdbx_poly_seq_scheme.auth_seq_num 
_pdbx_poly_seq_scheme.pdb_mon_id 
_pdbx_poly_seq_scheme.auth_mon_id 
_pdbx_poly_seq_scheme.pdb_strand_id 
_pdbx_poly_seq_scheme.pdb_ins_code 
_pdbx_poly_seq_scheme.hetero 
A 1 1 DI 1 1 1 DI I A . n 
A 1 2 DC 2 2 2 DC C A . n 
A 1 3 DI 3 3 3 DI I A . n 
A 1 4 DT 4 4 4 DT T A . n 
A 1 5 DA 5 5 5 DA A A . n 
A 1 6 DC 6 6 6 DC C A . n 
A 1 7 DI 7 7 7 DI I A . n 
A 1 8 DC 8 8 8 DC C A . n 
# 
loop_
_pdbx_nonpoly_scheme.asym_id 
_pdbx_nonpoly_scheme.entity_id 
_pdbx_nonpoly_scheme.mon_id 
_pdbx_nonpoly_scheme.ndb_seq_num 
_pdbx_nonpoly_scheme.pdb_seq_num 
_pdbx_nonpoly_scheme.auth_seq_num 
_pdbx_nonpoly_scheme.pdb_mon_id 
_pdbx_nonpoly_scheme.auth_mon_id 
_pdbx_nonpoly_scheme.pdb_strand_id 
_pdbx_nonpoly_scheme.pdb_ins_code 
B 2 DMY 1  9  9  DMY DMY A . 
C 3 MG  1  10 10 MG  MG  A . 
D 4 HOH 1  11 11 HOH HOH A . 
D 4 HOH 2  12 12 HOH HOH A . 
D 4 HOH 3  13 13 HOH HOH A . 
D 4 HOH 4  14 14 HOH HOH A . 
D 4 HOH 5  15 15 HOH HOH A . 
D 4 HOH 6  16 16 HOH HOH A . 
D 4 HOH 7  17 17 HOH HOH A . 
D 4 HOH 8  18 18 HOH HOH A . 
D 4 HOH 9  19 19 HOH HOH A . 
D 4 HOH 10 20 20 HOH HOH A . 
D 4 HOH 11 21 21 HOH HOH A . 
D 4 HOH 12 22 22 HOH HOH A . 
D 4 HOH 13 23 23 HOH HOH A . 
D 4 HOH 14 24 24 HOH HOH A . 
D 4 HOH 15 25 25 HOH HOH A . 
D 4 HOH 16 26 26 HOH HOH A . 
D 4 HOH 17 27 27 HOH HOH A . 
D 4 HOH 18 28 28 HOH HOH A . 
D 4 HOH 19 29 29 HOH HOH A . 
D 4 HOH 20 30 30 HOH HOH A . 
D 4 HOH 21 31 31 HOH HOH A . 
D 4 HOH 22 32 32 HOH HOH A . 
D 4 HOH 23 33 33 HOH HOH A . 
D 4 HOH 24 34 34 HOH HOH A . 
D 4 HOH 25 35 35 HOH HOH A . 
D 4 HOH 26 36 36 HOH HOH A . 
D 4 HOH 27 37 37 HOH HOH A . 
D 4 HOH 28 38 38 HOH HOH A . 
D 4 HOH 29 39 39 HOH HOH A . 
D 4 HOH 30 40 40 HOH HOH A . 
D 4 HOH 31 41 41 HOH HOH A . 
D 4 HOH 32 42 42 HOH HOH A . 
D 4 HOH 33 43 43 HOH HOH A . 
D 4 HOH 34 44 44 HOH HOH A . 
D 4 HOH 35 45 45 HOH HOH A . 
D 4 HOH 36 46 46 HOH HOH A . 
D 4 HOH 37 47 47 HOH HOH A . 
D 4 HOH 38 48 48 HOH HOH A . 
D 4 HOH 39 49 49 HOH HOH A . 
D 4 HOH 40 50 50 HOH HOH A . 
D 4 HOH 41 51 51 HOH HOH A . 
D 4 HOH 42 52 52 HOH HOH A . 
D 4 HOH 43 53 53 HOH HOH A . 
D 4 HOH 44 54 54 HOH HOH A . 
D 4 HOH 45 55 55 HOH HOH A . 
D 4 HOH 46 56 56 HOH HOH A . 
D 4 HOH 47 57 57 HOH HOH A . 
D 4 HOH 48 58 58 HOH HOH A . 
D 4 HOH 49 59 59 HOH HOH A . 
D 4 HOH 50 60 60 HOH HOH A . 
D 4 HOH 51 61 61 HOH HOH A . 
D 4 HOH 52 62 62 HOH HOH A . 
D 4 HOH 53 63 63 HOH HOH A . 
D 4 HOH 54 64 64 HOH HOH A . 
D 4 HOH 55 65 65 HOH HOH A . 
D 4 HOH 56 66 66 HOH HOH A . 
D 4 HOH 57 67 67 HOH HOH A . 
D 4 HOH 58 68 68 HOH HOH A . 
D 4 HOH 59 69 69 HOH HOH A . 
D 4 HOH 60 70 70 HOH HOH A . 
D 4 HOH 61 71 71 HOH HOH A . 
D 4 HOH 62 72 72 HOH HOH A . 
# 
loop_
_software.name 
_software.classification 
_software.version 
_software.citation_id 
_software.pdbx_ordinal 
XENGEN 'data collection' 2.0      ? 1 
XENGEN 'data reduction'  2.0      ? 2 
X-PLOR 'model building'  .        ? 3 
X-PLOR refinement        .        ? 4 
XENGEN 'data scaling'    'V. 2.0' ? 5 
X-PLOR phasing           .        ? 6 
# 
_cell.entry_id           306D 
_cell.length_a           28.030 
_cell.length_b           28.030 
_cell.length_c           58.040 
_cell.angle_alpha        90.00 
_cell.angle_beta         90.00 
_cell.angle_gamma        90.00 
_cell.Z_PDB              8 
_cell.pdbx_unique_axis   ? 
# 
_symmetry.entry_id                         306D 
_symmetry.space_group_name_H-M             'P 41 2 2' 
_symmetry.pdbx_full_space_group_name_H-M   ? 
_symmetry.cell_setting                     ? 
_symmetry.Int_Tables_number                91 
# 
_exptl.entry_id          306D 
_exptl.method            'X-RAY DIFFRACTION' 
_exptl.crystals_number   1 
# 
_exptl_crystal.id                    1 
_exptl_crystal.density_meas          ? 
_exptl_crystal.density_percent_sol   46.17 
_exptl_crystal.density_Matthews      2.29 
_exptl_crystal.description           ? 
# 
_exptl_crystal_grow.crystal_id      1 
_exptl_crystal_grow.method          'VAPOR DIFFUSION, HANGING DROP' 
_exptl_crystal_grow.temp            ? 
_exptl_crystal_grow.temp_details    'ROOM TEMPERATURE' 
_exptl_crystal_grow.pH              7.00 
_exptl_crystal_grow.pdbx_details    'pH 7.00, VAPOR DIFFUSION, HANGING DROP' 
_exptl_crystal_grow.pdbx_pH_range   . 
# 
loop_
_exptl_crystal_grow_comp.crystal_id 
_exptl_crystal_grow_comp.id 
_exptl_crystal_grow_comp.sol_id 
_exptl_crystal_grow_comp.name 
_exptl_crystal_grow_comp.volume 
_exptl_crystal_grow_comp.conc 
_exptl_crystal_grow_comp.details 
1 1 1 WATER           ? ? ? 
1 2 1 MPD             ? ? ? 
1 3 1 'NA CACODYLATE' ? ? ? 
1 4 1 MGCL2           ? ? ? 
1 5 1 SPERMINE_HCL    ? ? ? 
1 6 2 WATER           ? ? ? 
1 7 2 MPD             ? ? ? 
# 
_diffrn.id                     1 
_diffrn.ambient_temp           298.00 
_diffrn.ambient_temp_details   ? 
_diffrn.crystal_id             1 
# 
_diffrn_detector.diffrn_id              1 
_diffrn_detector.detector               'AREA DETECTOR' 
_diffrn_detector.type                   SIEMENS-NICOLET 
_diffrn_detector.pdbx_collection_date   1994-02-18 
_diffrn_detector.details                ? 
# 
_diffrn_radiation.diffrn_id                        1 
_diffrn_radiation.wavelength_id                    1 
_diffrn_radiation.pdbx_monochromatic_or_laue_m_l   M 
_diffrn_radiation.monochromator                    GRAPHITE 
_diffrn_radiation.pdbx_diffrn_protocol             'SINGLE WAVELENGTH' 
_diffrn_radiation.pdbx_scattering_type             x-ray 
# 
_diffrn_radiation_wavelength.id           1 
_diffrn_radiation_wavelength.wavelength   . 
_diffrn_radiation_wavelength.wt           1.0 
# 
_diffrn_source.diffrn_id                   1 
_diffrn_source.source                      'ROTATING ANODE' 
_diffrn_source.type                        RIGAKU 
_diffrn_source.pdbx_synchrotron_site       ? 
_diffrn_source.pdbx_synchrotron_beamline   ? 
_diffrn_source.pdbx_wavelength             ? 
_diffrn_source.pdbx_wavelength_list        ? 
# 
_reflns.entry_id                     306D 
_reflns.observed_criterion_sigma_I   0.000 
_reflns.observed_criterion_sigma_F   ? 
_reflns.d_resolution_low             5.100 
_reflns.d_resolution_high            1.500 
_reflns.number_obs                   3778 
_reflns.number_all                   20233 
_reflns.percent_possible_obs         92.000 
_reflns.pdbx_Rmerge_I_obs            ? 
_reflns.pdbx_Rsym_value              0.048 
_reflns.pdbx_netI_over_sigmaI        ? 
_reflns.B_iso_Wilson_estimate        ? 
_reflns.pdbx_redundancy              5.400 
_reflns.R_free_details               ? 
_reflns.pdbx_diffrn_id               1 
_reflns.pdbx_ordinal                 1 
# 
_refine.entry_id                                 306D 
_refine.ls_number_reflns_obs                     2672 
_refine.ls_number_reflns_all                     ? 
_refine.pdbx_ls_sigma_I                          ? 
_refine.pdbx_ls_sigma_F                          2.000 
_refine.pdbx_data_cutoff_high_absF               ? 
_refine.pdbx_data_cutoff_low_absF                ? 
_refine.pdbx_data_cutoff_high_rms_absF           ? 
_refine.ls_d_res_low                             5.100 
_refine.ls_d_res_high                            1.600 
_refine.ls_percent_reflns_obs                    66.000 
_refine.ls_R_factor_obs                          0.153 
_refine.ls_R_factor_all                          ? 
_refine.ls_R_factor_R_work                       0.153 
_refine.ls_R_factor_R_free                       ? 
_refine.ls_R_factor_R_free_error                 ? 
_refine.ls_R_factor_R_free_error_details         ? 
_refine.ls_percent_reflns_R_free                 ? 
_refine.ls_number_reflns_R_free                  ? 
_refine.ls_number_parameters                     ? 
_refine.ls_number_restraints                     ? 
_refine.occupancy_min                            ? 
_refine.occupancy_max                            ? 
_refine.B_iso_mean                               16.30 
_refine.aniso_B[1][1]                            ? 
_refine.aniso_B[2][2]                            ? 
_refine.aniso_B[3][3]                            ? 
_refine.aniso_B[1][2]                            ? 
_refine.aniso_B[1][3]                            ? 
_refine.aniso_B[2][3]                            ? 
_refine.solvent_model_details                    ? 
_refine.solvent_model_param_ksol                 ? 
_refine.solvent_model_param_bsol                 ? 
_refine.pdbx_ls_cross_valid_method               ? 
_refine.details                                  ? 
_refine.pdbx_starting_model                      GDHB25 
_refine.pdbx_method_to_determine_struct          'DIRECT REFINEMENT' 
_refine.pdbx_isotropic_thermal_model             ? 
_refine.pdbx_stereochemistry_target_values       ? 
_refine.pdbx_stereochem_target_val_spec_case     ? 
_refine.pdbx_R_Free_selection_details            ? 
_refine.pdbx_overall_ESU_R                       ? 
_refine.pdbx_overall_ESU_R_Free                  ? 
_refine.overall_SU_ML                            ? 
_refine.overall_SU_B                             ? 
_refine.ls_redundancy_reflns_obs                 ? 
_refine.correlation_coeff_Fo_to_Fc               ? 
_refine.correlation_coeff_Fo_to_Fc_free          ? 
_refine.pdbx_solvent_vdw_probe_radii             ? 
_refine.pdbx_solvent_ion_probe_radii             ? 
_refine.pdbx_solvent_shrinkage_radii             ? 
_refine.overall_SU_R_Cruickshank_DPI             ? 
_refine.overall_SU_R_free                        ? 
_refine.pdbx_refine_id                           'X-RAY DIFFRACTION' 
_refine.pdbx_diffrn_id                           1 
_refine.pdbx_TLS_residual_ADP_flag               ? 
_refine.pdbx_overall_phase_error                 ? 
_refine.pdbx_overall_SU_R_free_Cruickshank_DPI   ? 
_refine.pdbx_overall_SU_R_Blow_DPI               ? 
_refine.pdbx_overall_SU_R_free_Blow_DPI          ? 
# 
_refine_hist.pdbx_refine_id                   'X-RAY DIFFRACTION' 
_refine_hist.cycle_id                         LAST 
_refine_hist.pdbx_number_atoms_protein        0 
_refine_hist.pdbx_number_atoms_nucleic_acid   158 
_refine_hist.pdbx_number_atoms_ligand         36 
_refine_hist.number_atoms_solvent             62 
_refine_hist.number_atoms_total               256 
_refine_hist.d_res_high                       1.600 
_refine_hist.d_res_low                        5.100 
# 
loop_
_refine_ls_restr.type 
_refine_ls_restr.dev_ideal 
_refine_ls_restr.dev_ideal_target 
_refine_ls_restr.weight 
_refine_ls_restr.number 
_refine_ls_restr.pdbx_refine_id 
_refine_ls_restr.pdbx_restraint_function 
x_bond_d                0.014 ? ? ? 'X-RAY DIFFRACTION' ? 
x_bond_d_na             ?     ? ? ? 'X-RAY DIFFRACTION' ? 
x_bond_d_prot           ?     ? ? ? 'X-RAY DIFFRACTION' ? 
x_angle_d               ?     ? ? ? 'X-RAY DIFFRACTION' ? 
x_angle_d_na            ?     ? ? ? 'X-RAY DIFFRACTION' ? 
x_angle_d_prot          ?     ? ? ? 'X-RAY DIFFRACTION' ? 
x_angle_deg             4.40  ? ? ? 'X-RAY DIFFRACTION' ? 
x_angle_deg_na          ?     ? ? ? 'X-RAY DIFFRACTION' ? 
x_angle_deg_prot        ?     ? ? ? 'X-RAY DIFFRACTION' ? 
x_dihedral_angle_d      38.9  ? ? ? 'X-RAY DIFFRACTION' ? 
x_dihedral_angle_d_na   ?     ? ? ? 'X-RAY DIFFRACTION' ? 
x_dihedral_angle_d_prot ?     ? ? ? 'X-RAY DIFFRACTION' ? 
x_improper_angle_d      2.50  ? ? ? 'X-RAY DIFFRACTION' ? 
x_improper_angle_d_na   ?     ? ? ? 'X-RAY DIFFRACTION' ? 
x_improper_angle_d_prot ?     ? ? ? 'X-RAY DIFFRACTION' ? 
x_mcbond_it             ?     ? ? ? 'X-RAY DIFFRACTION' ? 
x_mcangle_it            ?     ? ? ? 'X-RAY DIFFRACTION' ? 
x_scbond_it             ?     ? ? ? 'X-RAY DIFFRACTION' ? 
x_scangle_it            ?     ? ? ? 'X-RAY DIFFRACTION' ? 
# 
_struct.entry_id                  306D 
_struct.title                     'SIDE-BY-SIDE BINDING OF DISTAMYCIN MOLECULES TO D(ICITACIC)' 
_struct.pdbx_model_details        ? 
_struct.pdbx_CASP_flag            ? 
_struct.pdbx_model_type_details   ? 
# 
_struct_keywords.entry_id        306D 
_struct_keywords.pdbx_keywords   DNA 
_struct_keywords.text            'B-DNA, DOUBLE HELIX, COMPLEXED WITH DRUG, DOUBLE DRUG IN THE MINOR GROOVE, DNA' 
# 
loop_
_struct_asym.id 
_struct_asym.pdbx_blank_PDB_chainid_flag 
_struct_asym.pdbx_modified 
_struct_asym.entity_id 
_struct_asym.details 
A N N 1 ? 
B N N 2 ? 
C N N 3 ? 
D N N 4 ? 
# 
_struct_ref.id                         1 
_struct_ref.entity_id                  1 
_struct_ref.db_name                    PDB 
_struct_ref.db_code                    306D 
_struct_ref.pdbx_db_accession          306D 
_struct_ref.pdbx_db_isoform            ? 
_struct_ref.pdbx_seq_one_letter_code   ? 
_struct_ref.pdbx_align_begin           ? 
# 
_struct_ref_seq.align_id                      1 
_struct_ref_seq.ref_id                        1 
_struct_ref_seq.pdbx_PDB_id_code              306D 
_struct_ref_seq.pdbx_strand_id                A 
_struct_ref_seq.seq_align_beg                 1 
_struct_ref_seq.pdbx_seq_align_beg_ins_code   ? 
_struct_ref_seq.seq_align_end                 8 
_struct_ref_seq.pdbx_seq_align_end_ins_code   ? 
_struct_ref_seq.pdbx_db_accession             306D 
_struct_ref_seq.db_align_beg                  1 
_struct_ref_seq.pdbx_db_align_beg_ins_code    ? 
_struct_ref_seq.db_align_end                  8 
_struct_ref_seq.pdbx_db_align_end_ins_code    ? 
_struct_ref_seq.pdbx_auth_seq_align_beg       1 
_struct_ref_seq.pdbx_auth_seq_align_end       8 
# 
_pdbx_struct_assembly.id                   1 
_pdbx_struct_assembly.details              author_defined_assembly 
_pdbx_struct_assembly.method_details       ? 
_pdbx_struct_assembly.oligomeric_details   dimeric 
_pdbx_struct_assembly.oligomeric_count     2 
# 
_pdbx_struct_assembly_gen.assembly_id       1 
_pdbx_struct_assembly_gen.oper_expression   1,2 
_pdbx_struct_assembly_gen.asym_id_list      A,B,C,D 
# 
loop_
_pdbx_struct_oper_list.id 
_pdbx_struct_oper_list.type 
_pdbx_struct_oper_list.name 
_pdbx_struct_oper_list.symmetry_operation 
_pdbx_struct_oper_list.matrix[1][1] 
_pdbx_struct_oper_list.matrix[1][2] 
_pdbx_struct_oper_list.matrix[1][3] 
_pdbx_struct_oper_list.vector[1] 
_pdbx_struct_oper_list.matrix[2][1] 
_pdbx_struct_oper_list.matrix[2][2] 
_pdbx_struct_oper_list.matrix[2][3] 
_pdbx_struct_oper_list.vector[2] 
_pdbx_struct_oper_list.matrix[3][1] 
_pdbx_struct_oper_list.matrix[3][2] 
_pdbx_struct_oper_list.matrix[3][3] 
_pdbx_struct_oper_list.vector[3] 
1 'identity operation'         1_555 x,y,z       1.0000000000  0.0000000000 0.0000000000 0.0000000000 0.0000000000 1.0000000000  0.0000000000 0.0000000000  0.0000000000 0.0000000000 1.0000000000 0.0000000000 
2 'crystal symmetry operation' 6_555 x,-y,-z+1/2 -0.9939924277 0.0706011536 0.0836333114 2.1800630909 0.0706011536 -0.1702933150 0.9828609586 -2.1859260762 0.0836333114 0.9828609586 0.1642857427 1.6887052991 
# 
_struct_biol.id                    1 
_struct_biol.pdbx_parent_biol_id   ? 
_struct_biol.details               ? 
# 
loop_
_struct_conn.id 
_struct_conn.conn_type_id 
_struct_conn.pdbx_leaving_atom_flag 
_struct_conn.pdbx_PDB_id 
_struct_conn.ptnr1_label_asym_id 
_struct_conn.ptnr1_label_comp_id 
_struct_conn.ptnr1_label_seq_id 
_struct_conn.ptnr1_label_atom_id 
_struct_conn.pdbx_ptnr1_label_alt_id 
_struct_conn.pdbx_ptnr1_PDB_ins_code 
_struct_conn.pdbx_ptnr1_standard_comp_id 
_struct_conn.ptnr1_symmetry 
_struct_conn.ptnr2_label_asym_id 
_struct_conn.ptnr2_label_comp_id 
_struct_conn.ptnr2_label_seq_id 
_struct_conn.ptnr2_label_atom_id 
_struct_conn.pdbx_ptnr2_label_alt_id 
_struct_conn.pdbx_ptnr2_PDB_ins_code 
_struct_conn.ptnr1_auth_asym_id 
_struct_conn.ptnr1_auth_comp_id 
_struct_conn.ptnr1_auth_seq_id 
_struct_conn.ptnr2_auth_asym_id 
_struct_conn.ptnr2_auth_comp_id 
_struct_conn.ptnr2_auth_seq_id 
_struct_conn.ptnr2_symmetry 
_struct_conn.pdbx_ptnr3_label_atom_id 
_struct_conn.pdbx_ptnr3_label_seq_id 
_struct_conn.pdbx_ptnr3_label_comp_id 
_struct_conn.pdbx_ptnr3_label_asym_id 
_struct_conn.pdbx_ptnr3_label_alt_id 
_struct_conn.pdbx_ptnr3_PDB_ins_code 
_struct_conn.details 
_struct_conn.pdbx_dist_value 
_struct_conn.pdbx_value_order 
_struct_conn.pdbx_role 
metalc1 metalc ? ? A DC 6 OP2 ? ? ? 1_555 C MG  . MG ? ? A DC 6  A MG  10 1_555 ? ? ? ? ? ? ?            1.981 ? ? 
metalc2 metalc ? ? C MG . MG  ? ? ? 1_555 D HOH . O  ? ? A MG 10 A HOH 11 1_555 ? ? ? ? ? ? ?            2.056 ? ? 
metalc3 metalc ? ? C MG . MG  ? ? ? 1_555 D HOH . O  ? ? A MG 10 A HOH 12 4_554 ? ? ? ? ? ? ?            2.113 ? ? 
metalc4 metalc ? ? C MG . MG  ? ? ? 1_555 D HOH . O  ? ? A MG 10 A HOH 13 4_554 ? ? ? ? ? ? ?            2.245 ? ? 
metalc5 metalc ? ? C MG . MG  ? ? ? 1_555 D HOH . O  ? ? A MG 10 A HOH 14 1_555 ? ? ? ? ? ? ?            2.200 ? ? 
metalc6 metalc ? ? C MG . MG  ? ? ? 1_555 D HOH . O  ? ? A MG 10 A HOH 16 1_555 ? ? ? ? ? ? ?            2.130 ? ? 
hydrog1 hydrog ? ? A DT 4 N3  ? ? ? 1_555 A DA  5 N1 ? ? A DT 4  A DA  5  6_555 ? ? ? ? ? ? WATSON-CRICK ?     ? ? 
hydrog2 hydrog ? ? A DT 4 O4  ? ? ? 1_555 A DA  5 N6 ? ? A DT 4  A DA  5  6_555 ? ? ? ? ? ? WATSON-CRICK ?     ? ? 
hydrog3 hydrog ? ? A DA 5 N1  ? ? ? 1_555 A DT  4 N3 ? ? A DA 5  A DT  4  6_555 ? ? ? ? ? ? WATSON-CRICK ?     ? ? 
hydrog4 hydrog ? ? A DA 5 N6  ? ? ? 1_555 A DT  4 O4 ? ? A DA 5  A DT  4  6_555 ? ? ? ? ? ? WATSON-CRICK ?     ? ? 
# 
loop_
_struct_conn_type.id 
_struct_conn_type.criteria 
_struct_conn_type.reference 
metalc ? ? 
hydrog ? ? 
# 
loop_
_pdbx_struct_conn_angle.id 
_pdbx_struct_conn_angle.ptnr1_label_atom_id 
_pdbx_struct_conn_angle.ptnr1_label_alt_id 
_pdbx_struct_conn_angle.ptnr1_label_asym_id 
_pdbx_struct_conn_angle.ptnr1_label_comp_id 
_pdbx_struct_conn_angle.ptnr1_label_seq_id 
_pdbx_struct_conn_angle.ptnr1_auth_atom_id 
_pdbx_struct_conn_angle.ptnr1_auth_asym_id 
_pdbx_struct_conn_angle.ptnr1_auth_comp_id 
_pdbx_struct_conn_angle.ptnr1_auth_seq_id 
_pdbx_struct_conn_angle.ptnr1_PDB_ins_code 
_pdbx_struct_conn_angle.ptnr1_symmetry 
_pdbx_struct_conn_angle.ptnr2_label_atom_id 
_pdbx_struct_conn_angle.ptnr2_label_alt_id 
_pdbx_struct_conn_angle.ptnr2_label_asym_id 
_pdbx_struct_conn_angle.ptnr2_label_comp_id 
_pdbx_struct_conn_angle.ptnr2_label_seq_id 
_pdbx_struct_conn_angle.ptnr2_auth_atom_id 
_pdbx_struct_conn_angle.ptnr2_auth_asym_id 
_pdbx_struct_conn_angle.ptnr2_auth_comp_id 
_pdbx_struct_conn_angle.ptnr2_auth_seq_id 
_pdbx_struct_conn_angle.ptnr2_PDB_ins_code 
_pdbx_struct_conn_angle.ptnr2_symmetry 
_pdbx_struct_conn_angle.ptnr3_label_atom_id 
_pdbx_struct_conn_angle.ptnr3_label_alt_id 
_pdbx_struct_conn_angle.ptnr3_label_asym_id 
_pdbx_struct_conn_angle.ptnr3_label_comp_id 
_pdbx_struct_conn_angle.ptnr3_label_seq_id 
_pdbx_struct_conn_angle.ptnr3_auth_atom_id 
_pdbx_struct_conn_angle.ptnr3_auth_asym_id 
_pdbx_struct_conn_angle.ptnr3_auth_comp_id 
_pdbx_struct_conn_angle.ptnr3_auth_seq_id 
_pdbx_struct_conn_angle.ptnr3_PDB_ins_code 
_pdbx_struct_conn_angle.ptnr3_symmetry 
_pdbx_struct_conn_angle.value 
_pdbx_struct_conn_angle.value_esd 
1  OP2 ? A DC  6 ? A DC  6  ? 1_555 MG ? C MG . ? A MG 10 ? 1_555 O ? D HOH . ? A HOH 11 ? 1_555 90.7  ? 
2  OP2 ? A DC  6 ? A DC  6  ? 1_555 MG ? C MG . ? A MG 10 ? 1_555 O ? D HOH . ? A HOH 12 ? 4_554 98.4  ? 
3  O   ? D HOH . ? A HOH 11 ? 1_555 MG ? C MG . ? A MG 10 ? 1_555 O ? D HOH . ? A HOH 12 ? 4_554 92.8  ? 
4  OP2 ? A DC  6 ? A DC  6  ? 1_555 MG ? C MG . ? A MG 10 ? 1_555 O ? D HOH . ? A HOH 13 ? 4_554 167.1 ? 
5  O   ? D HOH . ? A HOH 11 ? 1_555 MG ? C MG . ? A MG 10 ? 1_555 O ? D HOH . ? A HOH 13 ? 4_554 78.7  ? 
6  O   ? D HOH . ? A HOH 12 ? 4_554 MG ? C MG . ? A MG 10 ? 1_555 O ? D HOH . ? A HOH 13 ? 4_554 89.6  ? 
7  OP2 ? A DC  6 ? A DC  6  ? 1_555 MG ? C MG . ? A MG 10 ? 1_555 O ? D HOH . ? A HOH 14 ? 1_555 97.1  ? 
8  O   ? D HOH . ? A HOH 11 ? 1_555 MG ? C MG . ? A MG 10 ? 1_555 O ? D HOH . ? A HOH 14 ? 1_555 172.1 ? 
9  O   ? D HOH . ? A HOH 12 ? 4_554 MG ? C MG . ? A MG 10 ? 1_555 O ? D HOH . ? A HOH 14 ? 1_555 85.3  ? 
10 O   ? D HOH . ? A HOH 13 ? 4_554 MG ? C MG . ? A MG 10 ? 1_555 O ? D HOH . ? A HOH 14 ? 1_555 93.6  ? 
11 OP2 ? A DC  6 ? A DC  6  ? 1_555 MG ? C MG . ? A MG 10 ? 1_555 O ? D HOH . ? A HOH 16 ? 1_555 86.2  ? 
12 O   ? D HOH . ? A HOH 11 ? 1_555 MG ? C MG . ? A MG 10 ? 1_555 O ? D HOH . ? A HOH 16 ? 1_555 93.9  ? 
13 O   ? D HOH . ? A HOH 12 ? 4_554 MG ? C MG . ? A MG 10 ? 1_555 O ? D HOH . ? A HOH 16 ? 1_555 171.7 ? 
14 O   ? D HOH . ? A HOH 13 ? 4_554 MG ? C MG . ? A MG 10 ? 1_555 O ? D HOH . ? A HOH 16 ? 1_555 87.1  ? 
15 O   ? D HOH . ? A HOH 14 ? 1_555 MG ? C MG . ? A MG 10 ? 1_555 O ? D HOH . ? A HOH 16 ? 1_555 87.3  ? 
# 
loop_
_struct_site.id 
_struct_site.pdbx_evidence_code 
_struct_site.pdbx_auth_asym_id 
_struct_site.pdbx_auth_comp_id 
_struct_site.pdbx_auth_seq_id 
_struct_site.pdbx_auth_ins_code 
_struct_site.pdbx_num_residues 
_struct_site.details 
AC1 Software A DMY 9  ? 14 'BINDING SITE FOR RESIDUE DMY A 9' 
AC2 Software A MG  10 ? 6  'BINDING SITE FOR RESIDUE MG A 10' 
1   ?        ? ?   ?  ? ?  ?                                  
# 
loop_
_struct_site_gen.id 
_struct_site_gen.site_id 
_struct_site_gen.pdbx_num_res 
_struct_site_gen.label_comp_id 
_struct_site_gen.label_asym_id 
_struct_site_gen.label_seq_id 
_struct_site_gen.pdbx_auth_ins_code 
_struct_site_gen.auth_comp_id 
_struct_site_gen.auth_asym_id 
_struct_site_gen.auth_seq_id 
_struct_site_gen.label_atom_id 
_struct_site_gen.label_alt_id 
_struct_site_gen.symmetry 
_struct_site_gen.details 
1  AC1 14 DC  A 2 ? DC  A 2  . ? 1_555 ? 
2  AC1 14 DI  A 3 ? DI  A 3  . ? 1_555 ? 
3  AC1 14 DT  A 4 ? DT  A 4  . ? 6_555 ? 
4  AC1 14 DA  A 5 ? DA  A 5  . ? 6_555 ? 
5  AC1 14 DC  A 6 ? DC  A 6  . ? 6_555 ? 
6  AC1 14 DC  A 6 ? DC  A 6  . ? 8_565 ? 
7  AC1 14 DI  A 7 ? DI  A 7  . ? 6_555 ? 
8  AC1 14 DC  A 8 ? DC  A 8  . ? 6_555 ? 
9  AC1 14 HOH D . ? HOH A 15 . ? 1_555 ? 
10 AC1 14 HOH D . ? HOH A 28 . ? 1_555 ? 
11 AC1 14 HOH D . ? HOH A 30 . ? 1_555 ? 
12 AC1 14 HOH D . ? HOH A 32 . ? 1_555 ? 
13 AC1 14 HOH D . ? HOH A 33 . ? 6_555 ? 
14 AC1 14 HOH D . ? HOH A 44 . ? 6_555 ? 
15 AC2 6  DC  A 6 ? DC  A 6  . ? 1_555 ? 
16 AC2 6  HOH D . ? HOH A 11 . ? 1_555 ? 
17 AC2 6  HOH D . ? HOH A 12 . ? 4_554 ? 
18 AC2 6  HOH D . ? HOH A 13 . ? 4_554 ? 
19 AC2 6  HOH D . ? HOH A 14 . ? 1_555 ? 
20 AC2 6  HOH D . ? HOH A 16 . ? 1_555 ? 
# 
loop_
_pdbx_validate_rmsd_angle.id 
_pdbx_validate_rmsd_angle.PDB_model_num 
_pdbx_validate_rmsd_angle.auth_atom_id_1 
_pdbx_validate_rmsd_angle.auth_asym_id_1 
_pdbx_validate_rmsd_angle.auth_comp_id_1 
_pdbx_validate_rmsd_angle.auth_seq_id_1 
_pdbx_validate_rmsd_angle.PDB_ins_code_1 
_pdbx_validate_rmsd_angle.label_alt_id_1 
_pdbx_validate_rmsd_angle.auth_atom_id_2 
_pdbx_validate_rmsd_angle.auth_asym_id_2 
_pdbx_validate_rmsd_angle.auth_comp_id_2 
_pdbx_validate_rmsd_angle.auth_seq_id_2 
_pdbx_validate_rmsd_angle.PDB_ins_code_2 
_pdbx_validate_rmsd_angle.label_alt_id_2 
_pdbx_validate_rmsd_angle.auth_atom_id_3 
_pdbx_validate_rmsd_angle.auth_asym_id_3 
_pdbx_validate_rmsd_angle.auth_comp_id_3 
_pdbx_validate_rmsd_angle.auth_seq_id_3 
_pdbx_validate_rmsd_angle.PDB_ins_code_3 
_pdbx_validate_rmsd_angle.label_alt_id_3 
_pdbx_validate_rmsd_angle.angle_value 
_pdbx_validate_rmsd_angle.angle_target_value 
_pdbx_validate_rmsd_angle.angle_deviation 
_pdbx_validate_rmsd_angle.angle_standard_deviation 
_pdbx_validate_rmsd_angle.linker_flag 
1 1 "O4'" A DC 2 ? ? "C1'" A DC 2 ? ? N1  A DC 2 ? ? 110.90 108.30 2.60  0.30 N 
2 1 N1    A DC 2 ? ? C2    A DC 2 ? ? O2  A DC 2 ? ? 122.85 118.90 3.95  0.60 N 
3 1 "O4'" A DT 4 ? ? "C1'" A DT 4 ? ? N1  A DT 4 ? ? 110.43 108.30 2.13  0.30 N 
4 1 C6    A DT 4 ? ? C5    A DT 4 ? ? C7  A DT 4 ? ? 118.66 122.90 -4.24 0.60 N 
5 1 "O3'" A DA 5 ? ? P     A DC 6 ? ? OP2 A DC 6 ? ? 118.50 110.50 8.00  1.10 Y 
6 1 "O4'" A DC 6 ? ? "C1'" A DC 6 ? ? N1  A DC 6 ? ? 111.14 108.30 2.84  0.30 N 
7 1 N1    A DC 6 ? ? C2    A DC 6 ? ? O2  A DC 6 ? ? 122.71 118.90 3.81  0.60 N 
8 1 N1    A DC 8 ? ? C2    A DC 8 ? ? O2  A DC 8 ? ? 122.65 118.90 3.75  0.60 N 
# 
loop_
_pdbx_validate_planes.id 
_pdbx_validate_planes.PDB_model_num 
_pdbx_validate_planes.auth_comp_id 
_pdbx_validate_planes.auth_asym_id 
_pdbx_validate_planes.auth_seq_id 
_pdbx_validate_planes.PDB_ins_code 
_pdbx_validate_planes.label_alt_id 
_pdbx_validate_planes.rmsd 
_pdbx_validate_planes.type 
1 1 DI A 3 ? ? 0.074 'SIDE CHAIN' 
2 1 DA A 5 ? ? 0.072 'SIDE CHAIN' 
# 
_struct_site_keywords.site_id   1 
_struct_site_keywords.text      'MINOR GROOVE BINDER' 
# 
loop_
_refine_B_iso.class 
_refine_B_iso.details 
_refine_B_iso.treatment 
_refine_B_iso.pdbx_refine_id 
'ALL ATOMS'  TR isotropic 'X-RAY DIFFRACTION' 
'ALL WATERS' TR isotropic 'X-RAY DIFFRACTION' 
# 
loop_
_refine_occupancy.class 
_refine_occupancy.treatment 
_refine_occupancy.pdbx_refine_id 
'ALL ATOMS'  fix 'X-RAY DIFFRACTION' 
'ALL WATERS' fix 'X-RAY DIFFRACTION' 
# 
loop_
_chem_comp_atom.comp_id 
_chem_comp_atom.atom_id 
_chem_comp_atom.type_symbol 
_chem_comp_atom.pdbx_aromatic_flag 
_chem_comp_atom.pdbx_stereo_config 
_chem_comp_atom.pdbx_ordinal 
DA  OP3    O  N N 1   
DA  P      P  N N 2   
DA  OP1    O  N N 3   
DA  OP2    O  N N 4   
DA  "O5'"  O  N N 5   
DA  "C5'"  C  N N 6   
DA  "C4'"  C  N R 7   
DA  "O4'"  O  N N 8   
DA  "C3'"  C  N S 9   
DA  "O3'"  O  N N 10  
DA  "C2'"  C  N N 11  
DA  "C1'"  C  N R 12  
DA  N9     N  Y N 13  
DA  C8     C  Y N 14  
DA  N7     N  Y N 15  
DA  C5     C  Y N 16  
DA  C6     C  Y N 17  
DA  N6     N  N N 18  
DA  N1     N  Y N 19  
DA  C2     C  Y N 20  
DA  N3     N  Y N 21  
DA  C4     C  Y N 22  
DA  HOP3   H  N N 23  
DA  HOP2   H  N N 24  
DA  "H5'"  H  N N 25  
DA  "H5''" H  N N 26  
DA  "H4'"  H  N N 27  
DA  "H3'"  H  N N 28  
DA  "HO3'" H  N N 29  
DA  "H2'"  H  N N 30  
DA  "H2''" H  N N 31  
DA  "H1'"  H  N N 32  
DA  H8     H  N N 33  
DA  H61    H  N N 34  
DA  H62    H  N N 35  
DA  H2     H  N N 36  
DC  OP3    O  N N 37  
DC  P      P  N N 38  
DC  OP1    O  N N 39  
DC  OP2    O  N N 40  
DC  "O5'"  O  N N 41  
DC  "C5'"  C  N N 42  
DC  "C4'"  C  N R 43  
DC  "O4'"  O  N N 44  
DC  "C3'"  C  N S 45  
DC  "O3'"  O  N N 46  
DC  "C2'"  C  N N 47  
DC  "C1'"  C  N R 48  
DC  N1     N  N N 49  
DC  C2     C  N N 50  
DC  O2     O  N N 51  
DC  N3     N  N N 52  
DC  C4     C  N N 53  
DC  N4     N  N N 54  
DC  C5     C  N N 55  
DC  C6     C  N N 56  
DC  HOP3   H  N N 57  
DC  HOP2   H  N N 58  
DC  "H5'"  H  N N 59  
DC  "H5''" H  N N 60  
DC  "H4'"  H  N N 61  
DC  "H3'"  H  N N 62  
DC  "HO3'" H  N N 63  
DC  "H2'"  H  N N 64  
DC  "H2''" H  N N 65  
DC  "H1'"  H  N N 66  
DC  H41    H  N N 67  
DC  H42    H  N N 68  
DC  H5     H  N N 69  
DC  H6     H  N N 70  
DI  OP3    O  N N 71  
DI  P      P  N N 72  
DI  OP1    O  N N 73  
DI  OP2    O  N N 74  
DI  "O5'"  O  N N 75  
DI  "C5'"  C  N N 76  
DI  "C4'"  C  N R 77  
DI  "O4'"  O  N N 78  
DI  "C3'"  C  N S 79  
DI  "O3'"  O  N N 80  
DI  "C2'"  C  N N 81  
DI  "C1'"  C  N R 82  
DI  N9     N  Y N 83  
DI  C8     C  Y N 84  
DI  N7     N  Y N 85  
DI  C5     C  Y N 86  
DI  C6     C  N N 87  
DI  O6     O  N N 88  
DI  N1     N  N N 89  
DI  C2     C  N N 90  
DI  N3     N  N N 91  
DI  C4     C  Y N 92  
DI  HOP3   H  N N 93  
DI  HOP2   H  N N 94  
DI  "H5'"  H  N N 95  
DI  "H5''" H  N N 96  
DI  "H4'"  H  N N 97  
DI  "H3'"  H  N N 98  
DI  "HO3'" H  N N 99  
DI  "H2'"  H  N N 100 
DI  "H2''" H  N N 101 
DI  "H1'"  H  N N 102 
DI  H8     H  N N 103 
DI  H1     H  N N 104 
DI  H2     H  N N 105 
DMY C1     C  N N 106 
DMY O1     O  N N 107 
DMY N1     N  N N 108 
DMY C2     C  Y N 109 
DMY C3     C  Y N 110 
DMY C4     C  Y N 111 
DMY N2     N  Y N 112 
DMY C5     C  Y N 113 
DMY C6     C  N N 114 
DMY C7     C  N N 115 
DMY O2     O  N N 116 
DMY N3     N  N N 117 
DMY C8     C  Y N 118 
DMY C9     C  Y N 119 
DMY C10    C  Y N 120 
DMY N4     N  Y N 121 
DMY C11    C  Y N 122 
DMY C12    C  N N 123 
DMY C13    C  N N 124 
DMY O3     O  N N 125 
DMY N5     N  N N 126 
DMY C14    C  Y N 127 
DMY C15    C  Y N 128 
DMY C16    C  Y N 129 
DMY N6     N  Y N 130 
DMY C17    C  Y N 131 
DMY C18    C  N N 132 
DMY C19    C  N N 133 
DMY O4     O  N N 134 
DMY N7     N  N N 135 
DMY C20    C  N N 136 
DMY C21    C  N N 137 
DMY C22    C  N N 138 
DMY N8     N  N N 139 
DMY N9     N  N N 140 
DMY H1     H  N N 141 
DMY HN1    H  N N 142 
DMY H3     H  N N 143 
DMY H5     H  N N 144 
DMY H61    H  N N 145 
DMY H62    H  N N 146 
DMY H63    H  N N 147 
DMY HN3    H  N N 148 
DMY H9     H  N N 149 
DMY H11    H  N N 150 
DMY H121   H  N N 151 
DMY H122   H  N N 152 
DMY H123   H  N N 153 
DMY HN5    H  N N 154 
DMY H15    H  N N 155 
DMY H17    H  N N 156 
DMY H181   H  N N 157 
DMY H182   H  N N 158 
DMY H183   H  N N 159 
DMY HN7    H  N N 160 
DMY H201   H  N N 161 
DMY H202   H  N N 162 
DMY H211   H  N N 163 
DMY H212   H  N N 164 
DMY HN8    H  N N 165 
DMY HN91   H  N N 166 
DMY HN92   H  N N 167 
DT  OP3    O  N N 168 
DT  P      P  N N 169 
DT  OP1    O  N N 170 
DT  OP2    O  N N 171 
DT  "O5'"  O  N N 172 
DT  "C5'"  C  N N 173 
DT  "C4'"  C  N R 174 
DT  "O4'"  O  N N 175 
DT  "C3'"  C  N S 176 
DT  "O3'"  O  N N 177 
DT  "C2'"  C  N N 178 
DT  "C1'"  C  N R 179 
DT  N1     N  N N 180 
DT  C2     C  N N 181 
DT  O2     O  N N 182 
DT  N3     N  N N 183 
DT  C4     C  N N 184 
DT  O4     O  N N 185 
DT  C5     C  N N 186 
DT  C7     C  N N 187 
DT  C6     C  N N 188 
DT  HOP3   H  N N 189 
DT  HOP2   H  N N 190 
DT  "H5'"  H  N N 191 
DT  "H5''" H  N N 192 
DT  "H4'"  H  N N 193 
DT  "H3'"  H  N N 194 
DT  "HO3'" H  N N 195 
DT  "H2'"  H  N N 196 
DT  "H2''" H  N N 197 
DT  "H1'"  H  N N 198 
DT  H3     H  N N 199 
DT  H71    H  N N 200 
DT  H72    H  N N 201 
DT  H73    H  N N 202 
DT  H6     H  N N 203 
HOH O      O  N N 204 
HOH H1     H  N N 205 
HOH H2     H  N N 206 
MG  MG     MG N N 207 
# 
loop_
_chem_comp_bond.comp_id 
_chem_comp_bond.atom_id_1 
_chem_comp_bond.atom_id_2 
_chem_comp_bond.value_order 
_chem_comp_bond.pdbx_aromatic_flag 
_chem_comp_bond.pdbx_stereo_config 
_chem_comp_bond.pdbx_ordinal 
DA  OP3   P      sing N N 1   
DA  OP3   HOP3   sing N N 2   
DA  P     OP1    doub N N 3   
DA  P     OP2    sing N N 4   
DA  P     "O5'"  sing N N 5   
DA  OP2   HOP2   sing N N 6   
DA  "O5'" "C5'"  sing N N 7   
DA  "C5'" "C4'"  sing N N 8   
DA  "C5'" "H5'"  sing N N 9   
DA  "C5'" "H5''" sing N N 10  
DA  "C4'" "O4'"  sing N N 11  
DA  "C4'" "C3'"  sing N N 12  
DA  "C4'" "H4'"  sing N N 13  
DA  "O4'" "C1'"  sing N N 14  
DA  "C3'" "O3'"  sing N N 15  
DA  "C3'" "C2'"  sing N N 16  
DA  "C3'" "H3'"  sing N N 17  
DA  "O3'" "HO3'" sing N N 18  
DA  "C2'" "C1'"  sing N N 19  
DA  "C2'" "H2'"  sing N N 20  
DA  "C2'" "H2''" sing N N 21  
DA  "C1'" N9     sing N N 22  
DA  "C1'" "H1'"  sing N N 23  
DA  N9    C8     sing Y N 24  
DA  N9    C4     sing Y N 25  
DA  C8    N7     doub Y N 26  
DA  C8    H8     sing N N 27  
DA  N7    C5     sing Y N 28  
DA  C5    C6     sing Y N 29  
DA  C5    C4     doub Y N 30  
DA  C6    N6     sing N N 31  
DA  C6    N1     doub Y N 32  
DA  N6    H61    sing N N 33  
DA  N6    H62    sing N N 34  
DA  N1    C2     sing Y N 35  
DA  C2    N3     doub Y N 36  
DA  C2    H2     sing N N 37  
DA  N3    C4     sing Y N 38  
DC  OP3   P      sing N N 39  
DC  OP3   HOP3   sing N N 40  
DC  P     OP1    doub N N 41  
DC  P     OP2    sing N N 42  
DC  P     "O5'"  sing N N 43  
DC  OP2   HOP2   sing N N 44  
DC  "O5'" "C5'"  sing N N 45  
DC  "C5'" "C4'"  sing N N 46  
DC  "C5'" "H5'"  sing N N 47  
DC  "C5'" "H5''" sing N N 48  
DC  "C4'" "O4'"  sing N N 49  
DC  "C4'" "C3'"  sing N N 50  
DC  "C4'" "H4'"  sing N N 51  
DC  "O4'" "C1'"  sing N N 52  
DC  "C3'" "O3'"  sing N N 53  
DC  "C3'" "C2'"  sing N N 54  
DC  "C3'" "H3'"  sing N N 55  
DC  "O3'" "HO3'" sing N N 56  
DC  "C2'" "C1'"  sing N N 57  
DC  "C2'" "H2'"  sing N N 58  
DC  "C2'" "H2''" sing N N 59  
DC  "C1'" N1     sing N N 60  
DC  "C1'" "H1'"  sing N N 61  
DC  N1    C2     sing N N 62  
DC  N1    C6     sing N N 63  
DC  C2    O2     doub N N 64  
DC  C2    N3     sing N N 65  
DC  N3    C4     doub N N 66  
DC  C4    N4     sing N N 67  
DC  C4    C5     sing N N 68  
DC  N4    H41    sing N N 69  
DC  N4    H42    sing N N 70  
DC  C5    C6     doub N N 71  
DC  C5    H5     sing N N 72  
DC  C6    H6     sing N N 73  
DI  OP3   P      sing N N 74  
DI  OP3   HOP3   sing N N 75  
DI  P     OP1    doub N N 76  
DI  P     OP2    sing N N 77  
DI  P     "O5'"  sing N N 78  
DI  OP2   HOP2   sing N N 79  
DI  "O5'" "C5'"  sing N N 80  
DI  "C5'" "C4'"  sing N N 81  
DI  "C5'" "H5'"  sing N N 82  
DI  "C5'" "H5''" sing N N 83  
DI  "C4'" "O4'"  sing N N 84  
DI  "C4'" "C3'"  sing N N 85  
DI  "C4'" "H4'"  sing N N 86  
DI  "O4'" "C1'"  sing N N 87  
DI  "C3'" "O3'"  sing N N 88  
DI  "C3'" "C2'"  sing N N 89  
DI  "C3'" "H3'"  sing N N 90  
DI  "O3'" "HO3'" sing N N 91  
DI  "C2'" "C1'"  sing N N 92  
DI  "C2'" "H2'"  sing N N 93  
DI  "C2'" "H2''" sing N N 94  
DI  "C1'" N9     sing N N 95  
DI  "C1'" "H1'"  sing N N 96  
DI  N9    C8     sing Y N 97  
DI  N9    C4     sing Y N 98  
DI  C8    N7     doub Y N 99  
DI  C8    H8     sing N N 100 
DI  N7    C5     sing Y N 101 
DI  C5    C6     sing N N 102 
DI  C5    C4     doub Y N 103 
DI  C6    O6     doub N N 104 
DI  C6    N1     sing N N 105 
DI  N1    C2     sing N N 106 
DI  N1    H1     sing N N 107 
DI  C2    N3     doub N N 108 
DI  C2    H2     sing N N 109 
DI  N3    C4     sing N N 110 
DMY C1    O1     doub N N 111 
DMY C1    N1     sing N N 112 
DMY C1    H1     sing N N 113 
DMY N1    C2     sing N N 114 
DMY N1    HN1    sing N N 115 
DMY C2    C3     sing Y N 116 
DMY C2    C5     doub Y N 117 
DMY C3    C4     doub Y N 118 
DMY C3    H3     sing N N 119 
DMY C4    N2     sing Y N 120 
DMY C4    C7     sing N N 121 
DMY N2    C5     sing Y N 122 
DMY N2    C6     sing N N 123 
DMY C5    H5     sing N N 124 
DMY C6    H61    sing N N 125 
DMY C6    H62    sing N N 126 
DMY C6    H63    sing N N 127 
DMY C7    O2     doub N N 128 
DMY C7    N3     sing N N 129 
DMY N3    C8     sing N N 130 
DMY N3    HN3    sing N N 131 
DMY C8    C9     sing Y N 132 
DMY C8    C11    doub Y N 133 
DMY C9    C10    doub Y N 134 
DMY C9    H9     sing N N 135 
DMY C10   N4     sing Y N 136 
DMY C10   C13    sing N N 137 
DMY N4    C11    sing Y N 138 
DMY N4    C12    sing N N 139 
DMY C11   H11    sing N N 140 
DMY C12   H121   sing N N 141 
DMY C12   H122   sing N N 142 
DMY C12   H123   sing N N 143 
DMY C13   O3     doub N N 144 
DMY C13   N5     sing N N 145 
DMY N5    C14    sing N N 146 
DMY N5    HN5    sing N N 147 
DMY C14   C15    sing Y N 148 
DMY C14   C17    doub Y N 149 
DMY C15   C16    doub Y N 150 
DMY C15   H15    sing N N 151 
DMY C16   N6     sing Y N 152 
DMY C16   C19    sing N N 153 
DMY N6    C17    sing Y N 154 
DMY N6    C18    sing N N 155 
DMY C17   H17    sing N N 156 
DMY C18   H181   sing N N 157 
DMY C18   H182   sing N N 158 
DMY C18   H183   sing N N 159 
DMY C19   O4     doub N N 160 
DMY C19   N7     sing N N 161 
DMY N7    C20    sing N N 162 
DMY N7    HN7    sing N N 163 
DMY C20   C21    sing N N 164 
DMY C20   H201   sing N N 165 
DMY C20   H202   sing N N 166 
DMY C21   C22    sing N N 167 
DMY C21   H211   sing N N 168 
DMY C21   H212   sing N N 169 
DMY C22   N8     doub N N 170 
DMY C22   N9     sing N N 171 
DMY N8    HN8    sing N N 172 
DMY N9    HN91   sing N N 173 
DMY N9    HN92   sing N N 174 
DT  OP3   P      sing N N 175 
DT  OP3   HOP3   sing N N 176 
DT  P     OP1    doub N N 177 
DT  P     OP2    sing N N 178 
DT  P     "O5'"  sing N N 179 
DT  OP2   HOP2   sing N N 180 
DT  "O5'" "C5'"  sing N N 181 
DT  "C5'" "C4'"  sing N N 182 
DT  "C5'" "H5'"  sing N N 183 
DT  "C5'" "H5''" sing N N 184 
DT  "C4'" "O4'"  sing N N 185 
DT  "C4'" "C3'"  sing N N 186 
DT  "C4'" "H4'"  sing N N 187 
DT  "O4'" "C1'"  sing N N 188 
DT  "C3'" "O3'"  sing N N 189 
DT  "C3'" "C2'"  sing N N 190 
DT  "C3'" "H3'"  sing N N 191 
DT  "O3'" "HO3'" sing N N 192 
DT  "C2'" "C1'"  sing N N 193 
DT  "C2'" "H2'"  sing N N 194 
DT  "C2'" "H2''" sing N N 195 
DT  "C1'" N1     sing N N 196 
DT  "C1'" "H1'"  sing N N 197 
DT  N1    C2     sing N N 198 
DT  N1    C6     sing N N 199 
DT  C2    O2     doub N N 200 
DT  C2    N3     sing N N 201 
DT  N3    C4     sing N N 202 
DT  N3    H3     sing N N 203 
DT  C4    O4     doub N N 204 
DT  C4    C5     sing N N 205 
DT  C5    C7     sing N N 206 
DT  C5    C6     doub N N 207 
DT  C7    H71    sing N N 208 
DT  C7    H72    sing N N 209 
DT  C7    H73    sing N N 210 
DT  C6    H6     sing N N 211 
HOH O     H1     sing N N 212 
HOH O     H2     sing N N 213 
# 
loop_
_ndb_struct_na_base_pair.model_number 
_ndb_struct_na_base_pair.i_label_asym_id 
_ndb_struct_na_base_pair.i_label_comp_id 
_ndb_struct_na_base_pair.i_label_seq_id 
_ndb_struct_na_base_pair.i_symmetry 
_ndb_struct_na_base_pair.j_label_asym_id 
_ndb_struct_na_base_pair.j_label_comp_id 
_ndb_struct_na_base_pair.j_label_seq_id 
_ndb_struct_na_base_pair.j_symmetry 
_ndb_struct_na_base_pair.shear 
_ndb_struct_na_base_pair.stretch 
_ndb_struct_na_base_pair.stagger 
_ndb_struct_na_base_pair.buckle 
_ndb_struct_na_base_pair.propeller 
_ndb_struct_na_base_pair.opening 
_ndb_struct_na_base_pair.pair_number 
_ndb_struct_na_base_pair.pair_name 
_ndb_struct_na_base_pair.i_auth_asym_id 
_ndb_struct_na_base_pair.i_auth_seq_id 
_ndb_struct_na_base_pair.i_PDB_ins_code 
_ndb_struct_na_base_pair.j_auth_asym_id 
_ndb_struct_na_base_pair.j_auth_seq_id 
_ndb_struct_na_base_pair.j_PDB_ins_code 
_ndb_struct_na_base_pair.hbond_type_28 
_ndb_struct_na_base_pair.hbond_type_12 
1 A DT 4 1_555 A DA 5 6_555 -0.002 -0.058 -0.148 -0.145 -7.258 -6.440 1 A_DT4:DA5_A A 4 ? A 5 ? 20 1 
1 A DA 5 1_555 A DT 4 6_555 0.002  -0.058 -0.148 0.145  -7.258 -6.440 2 A_DA5:DT4_A A 5 ? A 4 ? 20 1 
# 
_ndb_struct_na_base_pair_step.model_number        1 
_ndb_struct_na_base_pair_step.i_label_asym_id_1   A 
_ndb_struct_na_base_pair_step.i_label_comp_id_1   DT 
_ndb_struct_na_base_pair_step.i_label_seq_id_1    4 
_ndb_struct_na_base_pair_step.i_symmetry_1        1_555 
_ndb_struct_na_base_pair_step.j_label_asym_id_1   A 
_ndb_struct_na_base_pair_step.j_label_comp_id_1   DA 
_ndb_struct_na_base_pair_step.j_label_seq_id_1    5 
_ndb_struct_na_base_pair_step.j_symmetry_1        6_555 
_ndb_struct_na_base_pair_step.i_label_asym_id_2   A 
_ndb_struct_na_base_pair_step.i_label_comp_id_2   DA 
_ndb_struct_na_base_pair_step.i_label_seq_id_2    5 
_ndb_struct_na_base_pair_step.i_symmetry_2        1_555 
_ndb_struct_na_base_pair_step.j_label_asym_id_2   A 
_ndb_struct_na_base_pair_step.j_label_comp_id_2   DT 
_ndb_struct_na_base_pair_step.j_label_seq_id_2    4 
_ndb_struct_na_base_pair_step.j_symmetry_2        6_555 
_ndb_struct_na_base_pair_step.shift               0.000 
_ndb_struct_na_base_pair_step.slide               2.398 
_ndb_struct_na_base_pair_step.rise                3.371 
_ndb_struct_na_base_pair_step.tilt                0.000 
_ndb_struct_na_base_pair_step.roll                -4.912 
_ndb_struct_na_base_pair_step.twist               47.722 
_ndb_struct_na_base_pair_step.x_displacement      3.336 
_ndb_struct_na_base_pair_step.y_displacement      0.000 
_ndb_struct_na_base_pair_step.helical_rise        3.124 
_ndb_struct_na_base_pair_step.inclination         -6.053 
_ndb_struct_na_base_pair_step.tip                 0.000 
_ndb_struct_na_base_pair_step.helical_twist       47.959 
_ndb_struct_na_base_pair_step.step_number         1 
_ndb_struct_na_base_pair_step.step_name           AA_DT4DA5:DT4DA5_AA 
_ndb_struct_na_base_pair_step.i_auth_asym_id_1    A 
_ndb_struct_na_base_pair_step.i_auth_seq_id_1     4 
_ndb_struct_na_base_pair_step.i_PDB_ins_code_1    ? 
_ndb_struct_na_base_pair_step.j_auth_asym_id_1    A 
_ndb_struct_na_base_pair_step.j_auth_seq_id_1     5 
_ndb_struct_na_base_pair_step.j_PDB_ins_code_1    ? 
_ndb_struct_na_base_pair_step.i_auth_asym_id_2    A 
_ndb_struct_na_base_pair_step.i_auth_seq_id_2     5 
_ndb_struct_na_base_pair_step.i_PDB_ins_code_2    ? 
_ndb_struct_na_base_pair_step.j_auth_asym_id_2    A 
_ndb_struct_na_base_pair_step.j_auth_seq_id_2     4 
_ndb_struct_na_base_pair_step.j_PDB_ins_code_2    ? 
# 
_pdbx_initial_refinement_model.accession_code   159D 
_pdbx_initial_refinement_model.id               1 
_pdbx_initial_refinement_model.entity_id_list   ? 
_pdbx_initial_refinement_model.type             'experimental model' 
_pdbx_initial_refinement_model.source_name      PDB 
_pdbx_initial_refinement_model.details          GDHB25 
# 
_atom_sites.entry_id                    306D 
_atom_sites.fract_transf_matrix[1][1]   -0.00195529 
_atom_sites.fract_transf_matrix[1][2]   -0.02297859 
_atom_sites.fract_transf_matrix[1][3]   -0.02722018 
_atom_sites.fract_transf_matrix[2][1]   0.02680456 
_atom_sites.fract_transf_matrix[2][2]   0.01700604 
_atom_sites.fract_transf_matrix[2][3]   -0.01628151 
_atom_sites.fract_transf_matrix[3][1]   0.01133054 
_atom_sites.fract_transf_matrix[3][2]   -0.01030753 
_atom_sites.fract_transf_matrix[3][3]   0.00788746 
_atom_sites.fract_transf_vector[1]      0.327430 
_atom_sites.fract_transf_vector[2]      0.003116 
_atom_sites.fract_transf_vector[3]      0.219717 
# 
loop_
_atom_type.symbol 
C  
MG 
N  
O  
P  
# 
loop_
_atom_site.group_PDB 
_atom_site.id 
_atom_site.type_symbol 
_atom_site.label_atom_id 
_atom_site.label_alt_id 
_atom_site.label_comp_id 
_atom_site.label_asym_id 
_atom_site.label_entity_id 
_atom_site.label_seq_id 
_atom_site.pdbx_PDB_ins_code 
_atom_site.Cartn_x 
_atom_site.Cartn_y 
_atom_site.Cartn_z 
_atom_site.occupancy 
_atom_site.B_iso_or_equiv 
_atom_site.pdbx_formal_charge 
_atom_site.auth_seq_id 
_atom_site.auth_comp_id 
_atom_site.auth_asym_id 
_atom_site.auth_atom_id 
_atom_site.pdbx_PDB_model_num 
ATOM   1   O  "O5'" . DI  A 1 1 ? 15.105  10.241  3.588  1.00 10.55 ? 1  DI  A "O5'" 1 
ATOM   2   C  "C5'" . DI  A 1 1 ? 13.823  9.934   4.130  1.00 10.02 ? 1  DI  A "C5'" 1 
ATOM   3   C  "C4'" . DI  A 1 1 ? 12.757  10.519  3.188  1.00 9.74  ? 1  DI  A "C4'" 1 
ATOM   4   O  "O4'" . DI  A 1 1 ? 12.859  9.895   1.874  1.00 9.44  ? 1  DI  A "O4'" 1 
ATOM   5   C  "C3'" . DI  A 1 1 ? 11.342  10.303  3.692  1.00 9.83  ? 1  DI  A "C3'" 1 
ATOM   6   O  "O3'" . DI  A 1 1 ? 10.580  11.451  3.296  1.00 10.10 ? 1  DI  A "O3'" 1 
ATOM   7   C  "C2'" . DI  A 1 1 ? 10.928  9.044   2.923  1.00 9.40  ? 1  DI  A "C2'" 1 
ATOM   8   C  "C1'" . DI  A 1 1 ? 11.621  9.191   1.570  1.00 9.11  ? 1  DI  A "C1'" 1 
ATOM   9   N  N9    . DI  A 1 1 ? 11.863  7.887   0.899  1.00 8.66  ? 1  DI  A N9    1 
ATOM   10  C  C8    . DI  A 1 1 ? 12.774  6.906   1.262  1.00 8.54  ? 1  DI  A C8    1 
ATOM   11  N  N7    . DI  A 1 1 ? 12.862  5.920   0.407  1.00 8.16  ? 1  DI  A N7    1 
ATOM   12  C  C5    . DI  A 1 1 ? 11.989  6.286   -0.619 1.00 8.22  ? 1  DI  A C5    1 
ATOM   13  C  C6    . DI  A 1 1 ? 11.668  5.586   -1.817 1.00 8.14  ? 1  DI  A C6    1 
ATOM   14  O  O6    . DI  A 1 1 ? 12.113  4.516   -2.227 1.00 8.17  ? 1  DI  A O6    1 
ATOM   15  N  N1    . DI  A 1 1 ? 10.703  6.260   -2.563 1.00 8.36  ? 1  DI  A N1    1 
ATOM   16  C  C2    . DI  A 1 1 ? 10.136  7.474   -2.209 1.00 8.14  ? 1  DI  A C2    1 
ATOM   17  N  N3    . DI  A 1 1 ? 10.449  8.140   -1.089 1.00 8.09  ? 1  DI  A N3    1 
ATOM   18  C  C4    . DI  A 1 1 ? 11.375  7.483   -0.332 1.00 8.30  ? 1  DI  A C4    1 
ATOM   19  P  P     . DC  A 1 2 ? 9.111   11.681  3.864  1.00 11.03 ? 2  DC  A P     1 
ATOM   20  O  OP1   . DC  A 1 2 ? 8.761   13.081  3.511  1.00 11.28 ? 2  DC  A OP1   1 
ATOM   21  O  OP2   . DC  A 1 2 ? 9.121   11.251  5.277  1.00 11.50 ? 2  DC  A OP2   1 
ATOM   22  O  "O5'" . DC  A 1 2 ? 8.150   10.688  3.060  1.00 11.03 ? 2  DC  A "O5'" 1 
ATOM   23  C  "C5'" . DC  A 1 2 ? 7.581   11.034  1.792  1.00 11.18 ? 2  DC  A "C5'" 1 
ATOM   24  C  "C4'" . DC  A 1 2 ? 6.781   9.882   1.203  1.00 11.25 ? 2  DC  A "C4'" 1 
ATOM   25  O  "O4'" . DC  A 1 2 ? 7.624   8.768   0.808  1.00 10.96 ? 2  DC  A "O4'" 1 
ATOM   26  C  "C3'" . DC  A 1 2 ? 5.778   9.331   2.243  1.00 11.52 ? 2  DC  A "C3'" 1 
ATOM   27  O  "O3'" . DC  A 1 2 ? 4.509   9.152   1.643  1.00 12.01 ? 2  DC  A "O3'" 1 
ATOM   28  C  "C2'" . DC  A 1 2 ? 6.312   7.951   2.532  1.00 11.03 ? 2  DC  A "C2'" 1 
ATOM   29  C  "C1'" . DC  A 1 2 ? 6.913   7.586   1.186  1.00 10.93 ? 2  DC  A "C1'" 1 
ATOM   30  N  N1    . DC  A 1 2 ? 7.798   6.411   1.164  1.00 10.61 ? 2  DC  A N1    1 
ATOM   31  C  C2    . DC  A 1 2 ? 7.827   5.668   -0.024 1.00 10.54 ? 2  DC  A C2    1 
ATOM   32  O  O2    . DC  A 1 2 ? 7.058   5.887   -0.972 1.00 10.39 ? 2  DC  A O2    1 
ATOM   33  N  N3    . DC  A 1 2 ? 8.736   4.655   -0.121 1.00 10.38 ? 2  DC  A N3    1 
ATOM   34  C  C4    . DC  A 1 2 ? 9.566   4.377   0.897  1.00 10.41 ? 2  DC  A C4    1 
ATOM   35  N  N4    . DC  A 1 2 ? 10.386  3.348   0.753  1.00 10.58 ? 2  DC  A N4    1 
ATOM   36  C  C5    . DC  A 1 2 ? 9.588   5.163   2.100  1.00 10.36 ? 2  DC  A C5    1 
ATOM   37  C  C6    . DC  A 1 2 ? 8.693   6.169   2.187  1.00 10.50 ? 2  DC  A C6    1 
ATOM   38  P  P     . DI  A 1 3 ? 3.394   10.277  1.908  1.00 13.03 ? 3  DI  A P     1 
ATOM   39  O  OP1   . DI  A 1 3 ? 3.764   11.662  1.533  1.00 13.75 ? 3  DI  A OP1   1 
ATOM   40  O  OP2   . DI  A 1 3 ? 2.891   9.973   3.258  1.00 13.24 ? 3  DI  A OP2   1 
ATOM   41  O  "O5'" . DI  A 1 3 ? 2.318   9.695   0.876  1.00 12.41 ? 3  DI  A "O5'" 1 
ATOM   42  C  "C5'" . DI  A 1 3 ? 2.258   10.036  -0.494 1.00 11.95 ? 3  DI  A "C5'" 1 
ATOM   43  C  "C4'" . DI  A 1 3 ? 1.449   9.016   -1.268 1.00 11.56 ? 3  DI  A "C4'" 1 
ATOM   44  O  "O4'" . DI  A 1 3 ? 2.197   7.796   -1.383 1.00 11.43 ? 3  DI  A "O4'" 1 
ATOM   45  C  "C3'" . DI  A 1 3 ? 0.135   8.664   -0.579 1.00 11.45 ? 3  DI  A "C3'" 1 
ATOM   46  O  "O3'" . DI  A 1 3 ? -0.862  8.557   -1.596 1.00 11.59 ? 3  DI  A "O3'" 1 
ATOM   47  C  "C2'" . DI  A 1 3 ? 0.461   7.313   0.079  1.00 11.08 ? 3  DI  A "C2'" 1 
ATOM   48  C  "C1'" . DI  A 1 3 ? 1.493   6.667   -0.830 1.00 10.95 ? 3  DI  A "C1'" 1 
ATOM   49  N  N9    . DI  A 1 3 ? 2.481   5.842   -0.070 1.00 10.57 ? 3  DI  A N9    1 
ATOM   50  C  C8    . DI  A 1 3 ? 3.237   6.247   0.991  1.00 10.59 ? 3  DI  A C8    1 
ATOM   51  N  N7    . DI  A 1 3 ? 4.169   5.412   1.343  1.00 10.40 ? 3  DI  A N7    1 
ATOM   52  C  C5    . DI  A 1 3 ? 4.076   4.403   0.402  1.00 10.31 ? 3  DI  A C5    1 
ATOM   53  C  C6    . DI  A 1 3 ? 4.894   3.257   0.234  1.00 10.37 ? 3  DI  A C6    1 
ATOM   54  O  O6    . DI  A 1 3 ? 5.886   2.937   0.896  1.00 10.35 ? 3  DI  A O6    1 
ATOM   55  N  N1    . DI  A 1 3 ? 4.460   2.479   -0.835 1.00 10.11 ? 3  DI  A N1    1 
ATOM   56  C  C2    . DI  A 1 3 ? 3.406   2.794   -1.676 1.00 10.30 ? 3  DI  A C2    1 
ATOM   57  N  N3    . DI  A 1 3 ? 2.616   3.860   -1.488 1.00 10.21 ? 3  DI  A N3    1 
ATOM   58  C  C4    . DI  A 1 3 ? 3.027   4.638   -0.457 1.00 10.38 ? 3  DI  A C4    1 
ATOM   59  P  P     . DT  A 1 4 ? -2.395  8.272   -1.246 1.00 12.22 ? 4  DT  A P     1 
ATOM   60  O  OP1   . DT  A 1 4 ? -3.044  8.861   -2.454 1.00 12.45 ? 4  DT  A OP1   1 
ATOM   61  O  OP2   . DT  A 1 4 ? -2.729  8.714   0.111  1.00 12.06 ? 4  DT  A OP2   1 
ATOM   62  O  "O5'" . DT  A 1 4 ? -2.569  6.695   -1.280 1.00 11.39 ? 4  DT  A "O5'" 1 
ATOM   63  C  "C5'" . DT  A 1 4 ? -2.518  6.005   -2.517 1.00 10.88 ? 4  DT  A "C5'" 1 
ATOM   64  C  "C4'" . DT  A 1 4 ? -2.524  4.533   -2.254 1.00 10.62 ? 4  DT  A "C4'" 1 
ATOM   65  O  "O4'" . DT  A 1 4 ? -1.330  4.167   -1.522 1.00 10.25 ? 4  DT  A "O4'" 1 
ATOM   66  C  "C3'" . DT  A 1 4 ? -3.710  4.087   -1.384 1.00 10.58 ? 4  DT  A "C3'" 1 
ATOM   67  O  "O3'" . DT  A 1 4 ? -4.320  2.968   -2.013 1.00 10.93 ? 4  DT  A "O3'" 1 
ATOM   68  C  "C2'" . DT  A 1 4 ? -3.043  3.620   -0.102 1.00 10.40 ? 4  DT  A "C2'" 1 
ATOM   69  C  "C1'" . DT  A 1 4 ? -1.703  3.134   -0.615 1.00 10.07 ? 4  DT  A "C1'" 1 
ATOM   70  N  N1    . DT  A 1 4 ? -0.650  2.942   0.410  1.00 9.71  ? 4  DT  A N1    1 
ATOM   71  C  C2    . DT  A 1 4 ? 0.283   1.944   0.168  1.00 9.28  ? 4  DT  A C2    1 
ATOM   72  O  O2    . DT  A 1 4 ? 0.218   1.150   -0.762 1.00 9.22  ? 4  DT  A O2    1 
ATOM   73  N  N3    . DT  A 1 4 ? 1.309   1.846   1.078  1.00 9.23  ? 4  DT  A N3    1 
ATOM   74  C  C4    . DT  A 1 4 ? 1.465   2.626   2.204  1.00 9.16  ? 4  DT  A C4    1 
ATOM   75  O  O4    . DT  A 1 4 ? 2.395   2.364   2.965  1.00 9.20  ? 4  DT  A O4    1 
ATOM   76  C  C5    . DT  A 1 4 ? 0.484   3.685   2.354  1.00 9.27  ? 4  DT  A C5    1 
ATOM   77  C  C7    . DT  A 1 4 ? 0.568   4.676   3.509  1.00 9.26  ? 4  DT  A C7    1 
ATOM   78  C  C6    . DT  A 1 4 ? -0.513  3.814   1.467  1.00 9.31  ? 4  DT  A C6    1 
ATOM   79  P  P     . DA  A 1 5 ? -5.787  3.132   -2.659 1.00 10.66 ? 5  DA  A P     1 
ATOM   80  O  OP1   . DA  A 1 5 ? -5.750  4.217   -3.671 1.00 10.87 ? 5  DA  A OP1   1 
ATOM   81  O  OP2   . DA  A 1 5 ? -6.804  3.132   -1.585 1.00 10.57 ? 5  DA  A OP2   1 
ATOM   82  O  "O5'" . DA  A 1 5 ? -5.892  1.739   -3.435 1.00 9.95  ? 5  DA  A "O5'" 1 
ATOM   83  C  "C5'" . DA  A 1 5 ? -5.034  1.401   -4.526 1.00 9.30  ? 5  DA  A "C5'" 1 
ATOM   84  C  "C4'" . DA  A 1 5 ? -4.567  -0.062  -4.430 1.00 8.83  ? 5  DA  A "C4'" 1 
ATOM   85  O  "O4'" . DA  A 1 5 ? -3.681  -0.236  -3.310 1.00 8.42  ? 5  DA  A "O4'" 1 
ATOM   86  C  "C3'" . DA  A 1 5 ? -5.733  -1.031  -4.232 1.00 8.59  ? 5  DA  A "C3'" 1 
ATOM   87  O  "O3'" . DA  A 1 5 ? -5.580  -2.131  -5.138 1.00 8.77  ? 5  DA  A "O3'" 1 
ATOM   88  C  "C2'" . DA  A 1 5 ? -5.630  -1.428  -2.762 1.00 8.46  ? 5  DA  A "C2'" 1 
ATOM   89  C  "C1'" . DA  A 1 5 ? -4.132  -1.258  -2.407 1.00 8.16  ? 5  DA  A "C1'" 1 
ATOM   90  N  N9    . DA  A 1 5 ? -3.913  -0.771  -1.024 1.00 7.81  ? 5  DA  A N9    1 
ATOM   91  C  C8    . DA  A 1 5 ? -4.622  0.185   -0.351 1.00 7.49  ? 5  DA  A C8    1 
ATOM   92  N  N7    . DA  A 1 5 ? -4.091  0.561   0.769  1.00 7.42  ? 5  DA  A N7    1 
ATOM   93  C  C5    . DA  A 1 5 ? -2.931  -0.189  0.852  1.00 7.30  ? 5  DA  A C5    1 
ATOM   94  C  C6    . DA  A 1 5 ? -1.923  -0.218  1.820  1.00 7.39  ? 5  DA  A C6    1 
ATOM   95  N  N6    . DA  A 1 5 ? -1.919  0.623   2.860  1.00 7.23  ? 5  DA  A N6    1 
ATOM   96  N  N1    . DA  A 1 5 ? -0.926  -1.106  1.636  1.00 7.40  ? 5  DA  A N1    1 
ATOM   97  C  C2    . DA  A 1 5 ? -0.949  -1.889  0.557  1.00 7.50  ? 5  DA  A C2    1 
ATOM   98  N  N3    . DA  A 1 5 ? -1.831  -1.946  -0.441 1.00 7.48  ? 5  DA  A N3    1 
ATOM   99  C  C4    . DA  A 1 5 ? -2.806  -1.015  -0.231 1.00 7.61  ? 5  DA  A C4    1 
ATOM   100 P  P     . DC  A 1 6 ? -6.655  -3.301  -5.190 1.00 8.93  ? 6  DC  A P     1 
ATOM   101 O  OP1   . DC  A 1 6 ? -6.410  -3.818  -6.559 1.00 9.34  ? 6  DC  A OP1   1 
ATOM   102 O  OP2   . DC  A 1 6 ? -8.037  -3.010  -4.752 1.00 9.07  ? 6  DC  A OP2   1 
ATOM   103 O  "O5'" . DC  A 1 6 ? -6.009  -4.316  -4.123 1.00 8.94  ? 6  DC  A "O5'" 1 
ATOM   104 C  "C5'" . DC  A 1 6 ? -4.719  -4.891  -4.346 1.00 8.98  ? 6  DC  A "C5'" 1 
ATOM   105 C  "C4'" . DC  A 1 6 ? -4.241  -5.562  -3.058 1.00 8.97  ? 6  DC  A "C4'" 1 
ATOM   106 O  "O4'" . DC  A 1 6 ? -4.179  -4.617  -2.002 1.00 8.64  ? 6  DC  A "O4'" 1 
ATOM   107 C  "C3'" . DC  A 1 6 ? -5.155  -6.681  -2.606 1.00 9.23  ? 6  DC  A "C3'" 1 
ATOM   108 O  "O3'" . DC  A 1 6 ? -4.513  -7.909  -2.955 1.00 9.81  ? 6  DC  A "O3'" 1 
ATOM   109 C  "C2'" . DC  A 1 6 ? -5.308  -6.424  -1.120 1.00 8.86  ? 6  DC  A "C2'" 1 
ATOM   110 C  "C1'" . DC  A 1 6 ? -4.298  -5.344  -0.772 1.00 8.48  ? 6  DC  A "C1'" 1 
ATOM   111 N  N1    . DC  A 1 6 ? -4.687  -4.437  0.356  1.00 7.93  ? 6  DC  A N1    1 
ATOM   112 C  C2    . DC  A 1 6 ? -3.780  -4.222  1.396  1.00 7.76  ? 6  DC  A C2    1 
ATOM   113 O  O2    . DC  A 1 6 ? -2.761  -4.897  1.541  1.00 7.64  ? 6  DC  A O2    1 
ATOM   114 N  N3    . DC  A 1 6 ? -4.030  -3.234  2.290  1.00 7.61  ? 6  DC  A N3    1 
ATOM   115 C  C4    . DC  A 1 6 ? -5.135  -2.483  2.203  1.00 7.60  ? 6  DC  A C4    1 
ATOM   116 N  N4    . DC  A 1 6 ? -5.361  -1.563  3.134  1.00 7.36  ? 6  DC  A N4    1 
ATOM   117 C  C5    . DC  A 1 6 ? -6.068  -2.677  1.140  1.00 7.47  ? 6  DC  A C5    1 
ATOM   118 C  C6    . DC  A 1 6 ? -5.801  -3.648  0.243  1.00 7.73  ? 6  DC  A C6    1 
ATOM   119 P  P     . DI  A 1 7 ? -5.216  -9.348  -2.682 1.00 11.18 ? 7  DI  A P     1 
ATOM   120 O  OP1   . DI  A 1 7 ? -4.410  -10.193 -3.581 1.00 12.17 ? 7  DI  A OP1   1 
ATOM   121 O  OP2   . DI  A 1 7 ? -6.688  -9.389  -2.770 1.00 11.67 ? 7  DI  A OP2   1 
ATOM   122 O  "O5'" . DI  A 1 7 ? -4.827  -9.667  -1.162 1.00 11.28 ? 7  DI  A "O5'" 1 
ATOM   123 C  "C5'" . DI  A 1 7 ? -3.490  -9.862  -0.707 1.00 10.77 ? 7  DI  A "C5'" 1 
ATOM   124 C  "C4'" . DI  A 1 7 ? -3.451  -9.733  0.804  1.00 10.56 ? 7  DI  A "C4'" 1 
ATOM   125 O  "O4'" . DI  A 1 7 ? -3.985  -8.457  1.221  1.00 10.05 ? 7  DI  A "O4'" 1 
ATOM   126 C  "C3'" . DI  A 1 7 ? -4.251  -10.831 1.507  1.00 10.63 ? 7  DI  A "C3'" 1 
ATOM   127 O  "O3'" . DI  A 1 7 ? -3.306  -11.572 2.299  1.00 11.15 ? 7  DI  A "O3'" 1 
ATOM   128 C  "C2'" . DI  A 1 7 ? -5.291  -10.049 2.305  1.00 10.34 ? 7  DI  A "C2'" 1 
ATOM   129 C  "C1'" . DI  A 1 7 ? -4.701  -8.656  2.457  1.00 9.99  ? 7  DI  A "C1'" 1 
ATOM   130 N  N9    . DI  A 1 7 ? -5.709  -7.579  2.627  1.00 9.56  ? 7  DI  A N9    1 
ATOM   131 C  C8    . DI  A 1 7 ? -6.814  -7.297  1.848  1.00 9.36  ? 7  DI  A C8    1 
ATOM   132 N  N7    . DI  A 1 7 ? -7.441  -6.212  2.194  1.00 9.00  ? 7  DI  A N7    1 
ATOM   133 C  C5    . DI  A 1 7 ? -6.708  -5.727  3.271  1.00 9.06  ? 7  DI  A C5    1 
ATOM   134 C  C6    . DI  A 1 7 ? -6.955  -4.598  4.109  1.00 9.21  ? 7  DI  A C6    1 
ATOM   135 O  O6    . DI  A 1 7 ? -7.837  -3.739  4.007  1.00 8.95  ? 7  DI  A O6    1 
ATOM   136 N  N1    . DI  A 1 7 ? -6.013  -4.491  5.119  1.00 9.01  ? 7  DI  A N1    1 
ATOM   137 C  C2    . DI  A 1 7 ? -4.963  -5.352  5.315  1.00 9.04  ? 7  DI  A C2    1 
ATOM   138 N  N3    . DI  A 1 7 ? -4.738  -6.417  4.542  1.00 9.07  ? 7  DI  A N3    1 
ATOM   139 C  C4    . DI  A 1 7 ? -5.638  -6.546  3.538  1.00 9.29  ? 7  DI  A C4    1 
ATOM   140 P  P     . DC  A 1 8 ? -3.808  -12.854 3.129  1.00 11.83 ? 8  DC  A P     1 
ATOM   141 O  OP1   . DC  A 1 8 ? -2.559  -13.648 3.140  1.00 12.32 ? 8  DC  A OP1   1 
ATOM   142 O  OP2   . DC  A 1 8 ? -5.077  -13.446 2.676  1.00 12.21 ? 8  DC  A OP2   1 
ATOM   143 O  "O5'" . DC  A 1 8 ? -4.067  -12.260 4.589  1.00 11.08 ? 8  DC  A "O5'" 1 
ATOM   144 C  "C5'" . DC  A 1 8 ? -3.004  -11.825 5.420  1.00 10.35 ? 8  DC  A "C5'" 1 
ATOM   145 C  "C4'" . DC  A 1 8 ? -3.533  -11.249 6.715  1.00 9.83  ? 8  DC  A "C4'" 1 
ATOM   146 O  "O4'" . DC  A 1 8 ? -4.351  -10.091 6.436  1.00 9.29  ? 8  DC  A "O4'" 1 
ATOM   147 C  "C3'" . DC  A 1 8 ? -4.431  -12.281 7.451  1.00 9.55  ? 8  DC  A "C3'" 1 
ATOM   148 O  "O3'" . DC  A 1 8 ? -4.025  -12.440 8.810  1.00 9.71  ? 8  DC  A "O3'" 1 
ATOM   149 C  "C2'" . DC  A 1 8 ? -5.805  -11.618 7.390  1.00 9.33  ? 8  DC  A "C2'" 1 
ATOM   150 C  "C1'" . DC  A 1 8 ? -5.479  -10.123 7.305  1.00 8.76  ? 8  DC  A "C1'" 1 
ATOM   151 N  N1    . DC  A 1 8 ? -6.553  -9.285  6.721  1.00 8.28  ? 8  DC  A N1    1 
ATOM   152 C  C2    . DC  A 1 8 ? -6.836  -8.074  7.342  1.00 8.00  ? 8  DC  A C2    1 
ATOM   153 O  O2    . DC  A 1 8 ? -6.269  -7.708  8.375  1.00 8.05  ? 8  DC  A O2    1 
ATOM   154 N  N3    . DC  A 1 8 ? -7.774  -7.275  6.779  1.00 7.70  ? 8  DC  A N3    1 
ATOM   155 C  C4    . DC  A 1 8 ? -8.343  -7.588  5.619  1.00 7.67  ? 8  DC  A C4    1 
ATOM   156 N  N4    . DC  A 1 8 ? -9.292  -6.771  5.145  1.00 7.45  ? 8  DC  A N4    1 
ATOM   157 C  C5    . DC  A 1 8 ? -7.993  -8.787  4.917  1.00 7.76  ? 8  DC  A C5    1 
ATOM   158 C  C6    . DC  A 1 8 ? -7.096  -9.602  5.508  1.00 7.99  ? 8  DC  A C6    1 
HETATM 159 C  C1    . DMY B 2 . ? 2.111   -6.636  3.822  1.00 11.08 ? 9  DMY A C1    1 
HETATM 160 O  O1    . DMY B 2 . ? 2.550   -7.778  3.972  1.00 11.76 ? 9  DMY A O1    1 
HETATM 161 N  N1    . DMY B 2 . ? 2.019   -5.919  2.690  1.00 10.68 ? 9  DMY A N1    1 
HETATM 162 C  C2    . DMY B 2 . ? 2.376   -6.310  1.454  1.00 10.26 ? 9  DMY A C2    1 
HETATM 163 C  C3    . DMY B 2 . ? 2.283   -5.529  0.321  1.00 9.91  ? 9  DMY A C3    1 
HETATM 164 C  C4    . DMY B 2 . ? 2.690   -6.260  -0.783 1.00 9.82  ? 9  DMY A C4    1 
HETATM 165 N  N2    . DMY B 2 . ? 3.023   -7.505  -0.358 1.00 9.93  ? 9  DMY A N2    1 
HETATM 166 C  C5    . DMY B 2 . ? 2.841   -7.577  0.977  1.00 10.18 ? 9  DMY A C5    1 
HETATM 167 C  C6    . DMY B 2 . ? 3.523   -8.703  -1.174 1.00 9.95  ? 9  DMY A C6    1 
HETATM 168 C  C7    . DMY B 2 . ? 2.661   -5.859  -2.171 1.00 9.59  ? 9  DMY A C7    1 
HETATM 169 O  O2    . DMY B 2 . ? 2.591   -6.692  -3.081 1.00 9.63  ? 9  DMY A O2    1 
HETATM 170 N  N3    . DMY B 2 . ? 2.740   -4.509  -2.365 1.00 9.37  ? 9  DMY A N3    1 
HETATM 171 C  C8    . DMY B 2 . ? 2.526   -3.911  -3.577 1.00 9.09  ? 9  DMY A C8    1 
HETATM 172 C  C9    . DMY B 2 . ? 2.598   -2.553  -3.871 1.00 8.87  ? 9  DMY A C9    1 
HETATM 173 C  C10   . DMY B 2 . ? 2.341   -2.332  -5.213 1.00 8.81  ? 9  DMY A C10   1 
HETATM 174 N  N4    . DMY B 2 . ? 2.085   -3.537  -5.775 1.00 8.88  ? 9  DMY A N4    1 
HETATM 175 C  C11   . DMY B 2 . ? 2.182   -4.487  -4.838 1.00 9.02  ? 9  DMY A C11   1 
HETATM 176 C  C12   . DMY B 2 . ? 1.698   -3.918  -7.203 1.00 8.88  ? 9  DMY A C12   1 
HETATM 177 C  C13   . DMY B 2 . ? 2.214   -1.068  -5.917 1.00 8.72  ? 9  DMY A C13   1 
HETATM 178 O  O3    . DMY B 2 . ? 1.593   -0.968  -6.979 1.00 8.35  ? 9  DMY A O3    1 
HETATM 179 N  N5    . DMY B 2 . ? 2.849   -0.030  -5.311 1.00 8.82  ? 9  DMY A N5    1 
HETATM 180 C  C14   . DMY B 2 . ? 2.755   1.268   -5.723 1.00 8.91  ? 9  DMY A C14   1 
HETATM 181 C  C15   . DMY B 2 . ? 3.381   2.361   -5.155 1.00 9.02  ? 9  DMY A C15   1 
HETATM 182 C  C16   . DMY B 2 . ? 3.021   3.513   -5.846 1.00 9.23  ? 9  DMY A C16   1 
HETATM 183 N  N6    . DMY B 2 . ? 2.162   3.160   -6.835 1.00 8.98  ? 9  DMY A N6    1 
HETATM 184 C  C17   . DMY B 2 . ? 1.987   1.834   -6.798 1.00 9.11  ? 9  DMY A C17   1 
HETATM 185 C  C18   . DMY B 2 . ? 1.351   4.065   -7.800 1.00 9.11  ? 9  DMY A C18   1 
HETATM 186 C  C19   . DMY B 2 . ? 3.392   4.879   -5.562 1.00 9.38  ? 9  DMY A C19   1 
HETATM 187 O  O4    . DMY B 2 . ? 2.718   5.877   -5.876 1.00 9.46  ? 9  DMY A O4    1 
HETATM 188 N  N7    . DMY B 2 . ? 4.572   4.991   -4.939 1.00 9.38  ? 9  DMY A N7    1 
HETATM 189 C  C20   . DMY B 2 . ? 5.147   6.286   -4.602 1.00 9.47  ? 9  DMY A C20   1 
HETATM 190 C  C21   . DMY B 2 . ? 4.626   6.859   -3.292 1.00 9.50  ? 9  DMY A C21   1 
HETATM 191 C  C22   . DMY B 2 . ? 5.205   8.250   -3.048 1.00 9.64  ? 9  DMY A C22   1 
HETATM 192 N  N8    . DMY B 2 . ? 4.670   9.313   -3.665 1.00 9.49  ? 9  DMY A N8    1 
HETATM 193 N  N9    . DMY B 2 . ? 6.254   8.392   -2.229 1.00 9.46  ? 9  DMY A N9    1 
HETATM 194 MG MG    . MG  C 3 . ? -9.593  -2.408  -3.684 1.00 10.47 ? 10 MG  A MG    1 
HETATM 195 O  O     . HOH D 4 . ? -10.526 -1.719  -5.383 1.00 7.37  ? 11 HOH A O     1 
HETATM 196 O  O     . HOH D 4 . ? 14.391  3.823   0.721  1.00 8.44  ? 12 HOH A O     1 
HETATM 197 O  O     . HOH D 4 . ? 14.298  2.891   -2.204 1.00 8.81  ? 13 HOH A O     1 
HETATM 198 O  O     . HOH D 4 . ? -8.828  -3.024  -1.715 1.00 9.31  ? 14 HOH A O     1 
HETATM 199 O  O     . HOH D 4 . ? 8.492   10.220  -2.021 1.00 9.80  ? 15 HOH A O     1 
HETATM 200 O  O     . HOH D 4 . ? -10.334 -4.394  -3.906 1.00 10.11 ? 16 HOH A O     1 
HETATM 201 O  O     . HOH D 4 . ? -10.111 1.769   2.130  1.00 12.51 ? 17 HOH A O     1 
HETATM 202 O  O     . HOH D 4 . ? 16.017  8.156   1.937  1.00 14.05 ? 18 HOH A O     1 
HETATM 203 O  O     . HOH D 4 . ? 12.811  2.130   2.473  1.00 14.45 ? 19 HOH A O     1 
HETATM 204 O  O     . HOH D 4 . ? -10.288 -7.653  2.411  1.00 18.15 ? 20 HOH A O     1 
HETATM 205 O  O     . HOH D 4 . ? -9.036  -5.499  -0.389 1.00 19.76 ? 21 HOH A O     1 
HETATM 206 O  O     . HOH D 4 . ? 3.502   3.368   5.302  1.00 21.26 ? 22 HOH A O     1 
HETATM 207 O  O     . HOH D 4 . ? -6.750  6.725   -3.292 1.00 21.54 ? 23 HOH A O     1 
HETATM 208 O  O     . HOH D 4 . ? -9.184  4.440   3.356  1.00 21.65 ? 24 HOH A O     1 
HETATM 209 O  O     . HOH D 4 . ? -10.245 -3.508  2.771  1.00 22.35 ? 25 HOH A O     1 
HETATM 210 O  O     . HOH D 4 . ? -4.093  5.318   -5.557 1.00 23.61 ? 26 HOH A O     1 
HETATM 211 O  O     . HOH D 4 . ? 5.394   12.695  -0.918 1.00 25.92 ? 27 HOH A O     1 
HETATM 212 O  O     . HOH D 4 . ? 3.048   8.792   -5.830 1.00 25.95 ? 28 HOH A O     1 
HETATM 213 O  O     . HOH D 4 . ? -5.227  -16.311 2.756  1.00 26.29 ? 29 HOH A O     1 
HETATM 214 O  O     . HOH D 4 . ? 0.215   6.226   -4.916 1.00 27.33 ? 30 HOH A O     1 
HETATM 215 O  O     . HOH D 4 . ? -11.587 -0.821  2.871  1.00 27.66 ? 31 HOH A O     1 
HETATM 216 O  O     . HOH D 4 . ? 3.108   -8.150  -5.295 1.00 28.90 ? 32 HOH A O     1 
HETATM 217 O  O     . HOH D 4 . ? -2.366  3.821   -6.876 1.00 30.70 ? 33 HOH A O     1 
HETATM 218 O  O     . HOH D 4 . ? -11.825 -5.760  0.611  1.00 31.89 ? 34 HOH A O     1 
HETATM 219 O  O     . HOH D 4 . ? -7.171  4.209   0.704  1.00 32.86 ? 35 HOH A O     1 
HETATM 220 O  O     . HOH D 4 . ? -5.330  5.078   2.501  1.00 33.98 ? 36 HOH A O     1 
HETATM 221 O  O     . HOH D 4 . ? -6.571  -6.590  -7.327 1.00 34.69 ? 37 HOH A O     1 
HETATM 222 O  O     . HOH D 4 . ? -2.830  5.973   2.722  1.00 34.70 ? 38 HOH A O     1 
HETATM 223 O  O     . HOH D 4 . ? -7.300  -12.369 3.508  1.00 35.54 ? 39 HOH A O     1 
HETATM 224 O  O     . HOH D 4 . ? -0.190  -12.956 1.455  1.00 36.72 ? 40 HOH A O     1 
HETATM 225 O  O     . HOH D 4 . ? -8.437  -8.277  -1.173 1.00 37.18 ? 41 HOH A O     1 
HETATM 226 O  O     . HOH D 4 . ? 6.048   4.173   3.496  1.00 38.06 ? 42 HOH A O     1 
HETATM 227 O  O     . HOH D 4 . ? -1.319  -13.731 8.534  1.00 38.66 ? 43 HOH A O     1 
HETATM 228 O  O     . HOH D 4 . ? 1.004   -11.283 -0.865 1.00 39.68 ? 44 HOH A O     1 
HETATM 229 O  O     . HOH D 4 . ? -3.372  3.280   3.684  1.00 39.97 ? 45 HOH A O     1 
HETATM 230 O  O     . HOH D 4 . ? 16.926  9.996   6.204  1.00 40.93 ? 46 HOH A O     1 
HETATM 231 O  O     . HOH D 4 . ? 0.400   -11.961 7.958  1.00 40.98 ? 47 HOH A O     1 
HETATM 232 O  O     . HOH D 4 . ? 10.369  15.055  4.444  1.00 43.64 ? 48 HOH A O     1 
HETATM 233 O  O     . HOH D 4 . ? -8.598  -7.066  -3.661 1.00 43.66 ? 49 HOH A O     1 
HETATM 234 O  O     . HOH D 4 . ? -6.193  -14.550 5.612  1.00 44.07 ? 50 HOH A O     1 
HETATM 235 O  O     . HOH D 4 . ? 5.062   14.033  1.229  1.00 44.79 ? 51 HOH A O     1 
HETATM 236 O  O     . HOH D 4 . ? -3.213  -8.715  -5.896 1.00 45.97 ? 52 HOH A O     1 
HETATM 237 O  O     . HOH D 4 . ? -8.540  -10.417 -4.248 1.00 47.38 ? 53 HOH A O     1 
HETATM 238 O  O     . HOH D 4 . ? 0.075   9.171   -4.380 1.00 50.59 ? 54 HOH A O     1 
HETATM 239 O  O     . HOH D 4 . ? -9.092  -10.232 1.084  1.00 51.41 ? 55 HOH A O     1 
HETATM 240 O  O     . HOH D 4 . ? -7.203  -12.005 -2.367 1.00 52.24 ? 56 HOH A O     1 
HETATM 241 O  O     . HOH D 4 . ? 9.707   15.238  7.313  1.00 53.69 ? 57 HOH A O     1 
HETATM 242 O  O     . HOH D 4 . ? -4.782  -13.971 0.089  1.00 54.04 ? 58 HOH A O     1 
HETATM 243 O  O     . HOH D 4 . ? -5.579  -11.377 -5.871 1.00 54.14 ? 59 HOH A O     1 
HETATM 244 O  O     . HOH D 4 . ? -3.218  -12.826 -6.906 1.00 55.05 ? 60 HOH A O     1 
HETATM 245 O  O     . HOH D 4 . ? 9.234   17.706  4.196  1.00 55.43 ? 61 HOH A O     1 
HETATM 246 O  O     . HOH D 4 . ? 6.510   14.396  3.946  1.00 56.19 ? 62 HOH A O     1 
HETATM 247 O  O     . HOH D 4 . ? -1.979  11.273  0.298  1.00 56.60 ? 63 HOH A O     1 
HETATM 248 O  O     . HOH D 4 . ? -4.947  -8.326  -8.428 1.00 56.96 ? 64 HOH A O     1 
HETATM 249 O  O     . HOH D 4 . ? 11.265  11.364  6.784  1.00 57.21 ? 65 HOH A O     1 
HETATM 250 O  O     . HOH D 4 . ? -4.538  -5.003  -8.113 1.00 57.46 ? 66 HOH A O     1 
HETATM 251 O  O     . HOH D 4 . ? -7.207  -8.288  -5.404 1.00 57.82 ? 67 HOH A O     1 
HETATM 252 O  O     . HOH D 4 . ? 4.483   12.686  4.345  1.00 58.94 ? 68 HOH A O     1 
HETATM 253 O  O     . HOH D 4 . ? -1.604  -12.993 -0.825 1.00 59.53 ? 69 HOH A O     1 
HETATM 254 O  O     . HOH D 4 . ? -4.294  -13.004 -3.122 1.00 60.34 ? 70 HOH A O     1 
HETATM 255 O  O     . HOH D 4 . ? -5.313  10.177  -1.606 1.00 61.62 ? 71 HOH A O     1 
HETATM 256 O  O     . HOH D 4 . ? -4.569  -10.736 -9.391 1.00 64.12 ? 72 HOH A O     1 
# 
